data_1VR0
#
_entry.id   1VR0
#
_cell.length_a   46.686
_cell.length_b   69.193
_cell.length_c   453.518
_cell.angle_alpha   90.00
_cell.angle_beta   90.00
_cell.angle_gamma   90.00
#
_symmetry.space_group_name_H-M   'C 2 2 21'
#
loop_
_entity.id
_entity.type
_entity.pdbx_description
1 polymer 'Probable 2-phosphosulfolactate phosphatase'
2 non-polymer 'MAGNESIUM ION'
3 non-polymer '(2R)-3-SULFOLACTIC ACID'
4 water water
#
_entity_poly.entity_id   1
_entity_poly.type   'polypeptide(L)'
_entity_poly.pdbx_seq_one_letter_code
;(MSE)GSDKIHHHHHH(MSE)KIDLIISADDIKEEKVKNKTAVVID(MSE)LRATSVITTALNNGCKRVVPVLTVEEALK
KVKEYGKDAILGGERKGLKIEGFDFSNSP(MSE)EYTEDVVKGKTLI(MSE)TTTNGTRAIKGSETARDILIGSVLNGEA
VAEKIVELNNDVVIVNAGTYGEFSIDDFICSGYIINCV(MSE)DR(MSE)KKLELTDAATTAQYVYKTNEDIKGFVKYAK
HYKRI(MSE)ELGLKKDFEYCCKKDIVKLVPQYTNGEIL
;
_entity_poly.pdbx_strand_id   A,B,C
#
# COMPACT_ATOMS: atom_id res chain seq x y z
N HIS A 12 40.12 -48.04 0.59
CA HIS A 12 40.31 -46.65 1.17
C HIS A 12 40.06 -45.57 0.12
N LYS A 14 40.42 -42.03 -1.45
CA LYS A 14 41.50 -41.07 -1.66
C LYS A 14 40.93 -39.64 -1.75
N ILE A 15 41.61 -38.67 -1.13
CA ILE A 15 41.23 -37.27 -1.22
C ILE A 15 42.41 -36.45 -1.70
N ASP A 16 42.20 -35.70 -2.77
CA ASP A 16 43.21 -34.84 -3.37
C ASP A 16 42.71 -33.41 -3.37
N LEU A 17 43.58 -32.49 -3.72
CA LEU A 17 43.25 -31.08 -3.80
C LEU A 17 43.95 -30.44 -5.00
N ILE A 18 43.23 -29.60 -5.74
CA ILE A 18 43.78 -28.84 -6.82
C ILE A 18 43.71 -27.38 -6.39
N ILE A 19 44.79 -26.65 -6.60
CA ILE A 19 44.97 -25.35 -5.98
C ILE A 19 44.36 -24.16 -6.75
N SER A 20 43.92 -24.34 -8.00
CA SER A 20 43.34 -23.24 -8.75
C SER A 20 42.70 -23.72 -10.04
N ALA A 21 41.79 -22.91 -10.57
CA ALA A 21 41.16 -23.17 -11.89
C ALA A 21 42.17 -23.36 -13.03
N ASP A 22 43.32 -22.70 -12.95
CA ASP A 22 44.38 -22.84 -13.96
C ASP A 22 45.30 -24.01 -13.70
N ASP A 23 45.06 -24.78 -12.64
CA ASP A 23 45.87 -25.96 -12.34
C ASP A 23 45.09 -27.27 -12.42
N ILE A 24 43.89 -27.25 -12.99
CA ILE A 24 43.15 -28.47 -13.17
C ILE A 24 43.76 -29.29 -14.31
N LYS A 25 43.96 -30.58 -14.07
CA LYS A 25 44.36 -31.49 -15.13
C LYS A 25 43.32 -32.58 -15.11
N GLU A 26 42.76 -32.89 -16.29
CA GLU A 26 41.71 -33.91 -16.44
C GLU A 26 41.94 -35.20 -15.65
N GLU A 27 43.15 -35.74 -15.73
CA GLU A 27 43.44 -37.01 -15.13
C GLU A 27 43.29 -37.01 -13.62
N LYS A 28 43.37 -35.83 -13.01
CA LYS A 28 43.14 -35.66 -11.58
C LYS A 28 41.65 -35.49 -11.24
N VAL A 29 40.82 -35.31 -12.26
CA VAL A 29 39.42 -35.03 -12.04
C VAL A 29 38.51 -36.16 -12.54
N LYS A 30 38.84 -36.77 -13.68
CA LYS A 30 37.89 -37.68 -14.31
C LYS A 30 37.46 -38.85 -13.39
N ASN A 31 36.18 -39.17 -13.46
CA ASN A 31 35.52 -40.25 -12.71
C ASN A 31 35.53 -40.12 -11.20
N LYS A 32 35.98 -38.99 -10.67
CA LYS A 32 36.01 -38.78 -9.22
C LYS A 32 34.79 -38.01 -8.71
N THR A 33 34.68 -37.88 -7.40
CA THR A 33 33.79 -36.90 -6.81
C THR A 33 34.59 -35.61 -6.76
N ALA A 34 34.22 -34.62 -7.57
CA ALA A 34 34.88 -33.31 -7.55
C ALA A 34 34.08 -32.31 -6.71
N VAL A 35 34.75 -31.60 -5.82
CA VAL A 35 34.10 -30.62 -5.01
C VAL A 35 34.69 -29.25 -5.38
N VAL A 36 33.89 -28.37 -5.95
CA VAL A 36 34.38 -27.09 -6.38
C VAL A 36 34.18 -26.04 -5.26
N ILE A 37 35.24 -25.30 -4.99
CA ILE A 37 35.20 -24.26 -3.94
C ILE A 37 35.65 -22.89 -4.45
N ASP A 38 34.75 -21.92 -4.30
CA ASP A 38 35.09 -20.49 -4.51
C ASP A 38 34.34 -19.72 -3.41
N LEU A 40 34.61 -17.09 -1.58
CA LEU A 40 34.44 -15.65 -1.61
C LEU A 40 34.45 -15.24 -3.05
N ARG A 41 33.32 -15.40 -3.76
CA ARG A 41 31.98 -15.66 -3.23
C ARG A 41 31.12 -16.60 -4.05
N ALA A 42 31.56 -17.03 -5.23
CA ALA A 42 30.69 -17.76 -6.19
C ALA A 42 29.98 -19.01 -5.63
N THR A 43 30.69 -19.90 -4.93
CA THR A 43 30.05 -21.09 -4.44
C THR A 43 29.23 -20.81 -3.20
N SER A 44 29.52 -19.71 -2.50
CA SER A 44 28.66 -19.26 -1.40
C SER A 44 27.35 -18.70 -1.97
N VAL A 45 27.44 -18.04 -3.13
CA VAL A 45 26.26 -17.57 -3.82
C VAL A 45 25.41 -18.76 -4.32
N ILE A 46 26.01 -19.64 -5.07
CA ILE A 46 25.27 -20.76 -5.61
C ILE A 46 24.55 -21.54 -4.49
N THR A 47 25.28 -21.84 -3.42
CA THR A 47 24.76 -22.57 -2.30
C THR A 47 23.57 -21.85 -1.65
N THR A 48 23.70 -20.55 -1.46
CA THR A 48 22.68 -19.75 -0.83
C THR A 48 21.41 -19.67 -1.73
N ALA A 49 21.63 -19.37 -3.00
CA ALA A 49 20.55 -19.19 -3.91
C ALA A 49 19.68 -20.43 -4.01
N LEU A 50 20.33 -21.58 -4.18
CA LEU A 50 19.63 -22.85 -4.29
C LEU A 50 18.91 -23.25 -3.02
N ASN A 51 19.53 -22.99 -1.89
CA ASN A 51 18.91 -23.15 -0.59
C ASN A 51 17.67 -22.26 -0.41
N ASN A 52 17.65 -21.10 -1.06
CA ASN A 52 16.49 -20.20 -1.00
C ASN A 52 15.45 -20.43 -2.10
N GLY A 53 15.50 -21.59 -2.76
CA GLY A 53 14.42 -22.03 -3.62
C GLY A 53 14.62 -21.72 -5.08
N CYS A 54 15.80 -21.27 -5.42
CA CYS A 54 16.17 -21.08 -6.81
C CYS A 54 16.04 -22.39 -7.57
N LYS A 55 15.52 -22.34 -8.78
CA LYS A 55 15.27 -23.57 -9.54
C LYS A 55 16.54 -24.20 -10.05
N ARG A 56 17.37 -23.38 -10.66
CA ARG A 56 18.65 -23.84 -11.16
C ARG A 56 19.62 -22.71 -11.31
N VAL A 57 20.92 -23.03 -11.27
CA VAL A 57 21.96 -22.09 -11.63
C VAL A 57 22.64 -22.61 -12.89
N VAL A 58 22.81 -21.74 -13.89
CA VAL A 58 23.54 -22.07 -15.11
C VAL A 58 24.82 -21.21 -15.16
N PRO A 59 25.98 -21.81 -14.84
CA PRO A 59 27.26 -21.13 -14.92
C PRO A 59 27.81 -21.05 -16.34
N VAL A 60 28.26 -19.88 -16.73
CA VAL A 60 28.86 -19.66 -18.05
C VAL A 60 30.19 -18.87 -17.92
N LEU A 61 30.96 -18.87 -18.98
CA LEU A 61 32.30 -18.29 -18.96
C LEU A 61 32.31 -16.83 -19.44
N THR A 62 31.39 -16.44 -20.30
CA THR A 62 31.44 -15.08 -20.81
C THR A 62 30.13 -14.37 -20.64
N VAL A 63 30.19 -13.06 -20.60
CA VAL A 63 28.99 -12.23 -20.59
C VAL A 63 28.14 -12.47 -21.83
N GLU A 64 28.78 -12.63 -22.98
CA GLU A 64 28.01 -12.83 -24.22
C GLU A 64 27.18 -14.11 -24.17
N GLU A 65 27.78 -15.18 -23.68
CA GLU A 65 27.11 -16.46 -23.52
C GLU A 65 25.97 -16.38 -22.48
N ALA A 66 26.17 -15.56 -21.43
CA ALA A 66 25.14 -15.30 -20.41
C ALA A 66 23.91 -14.63 -20.99
N LEU A 67 24.11 -13.64 -21.86
CA LEU A 67 22.98 -12.92 -22.46
C LEU A 67 22.21 -13.78 -23.42
N LYS A 68 22.91 -14.71 -24.05
CA LYS A 68 22.30 -15.68 -24.95
C LYS A 68 21.47 -16.69 -24.14
N LYS A 69 22.01 -17.15 -23.02
CA LYS A 69 21.31 -18.09 -22.15
C LYS A 69 19.98 -17.55 -21.56
N VAL A 70 19.92 -16.25 -21.26
CA VAL A 70 18.65 -15.61 -20.85
C VAL A 70 17.50 -15.89 -21.82
N LYS A 71 17.77 -15.68 -23.11
CA LYS A 71 16.76 -15.88 -24.13
C LYS A 71 16.25 -17.32 -24.10
N GLU A 72 17.11 -18.28 -23.80
CA GLU A 72 16.73 -19.69 -23.75
C GLU A 72 15.82 -20.06 -22.60
N TYR A 73 16.01 -19.45 -21.44
CA TYR A 73 15.21 -19.75 -20.27
C TYR A 73 14.07 -18.77 -20.02
N GLY A 74 13.85 -17.78 -20.88
CA GLY A 74 12.61 -16.96 -20.83
C GLY A 74 12.44 -16.06 -19.62
N LYS A 75 11.20 -15.75 -19.28
CA LYS A 75 10.77 -14.82 -18.18
C LYS A 75 11.40 -15.08 -16.80
N ASP A 76 11.68 -16.36 -16.53
CA ASP A 76 12.15 -16.80 -15.21
C ASP A 76 13.66 -16.73 -14.99
N ALA A 77 14.38 -16.21 -15.99
CA ALA A 77 15.83 -16.13 -15.95
C ALA A 77 16.26 -14.84 -15.30
N ILE A 78 17.29 -14.89 -14.48
CA ILE A 78 17.94 -13.69 -13.96
C ILE A 78 19.47 -13.76 -14.20
N LEU A 79 20.10 -12.59 -14.27
CA LEU A 79 21.55 -12.47 -14.54
C LEU A 79 22.32 -12.01 -13.30
N GLY A 80 23.26 -12.82 -12.86
CA GLY A 80 24.16 -12.45 -11.76
C GLY A 80 25.61 -12.87 -11.95
N GLY A 81 26.44 -12.52 -10.97
CA GLY A 81 27.89 -12.77 -10.99
C GLY A 81 28.70 -11.49 -10.88
N GLU A 82 29.92 -11.52 -11.40
CA GLU A 82 30.81 -10.34 -11.32
C GLU A 82 32.00 -10.40 -12.25
N ARG A 83 32.56 -9.22 -12.48
CA ARG A 83 33.93 -9.07 -12.97
C ARG A 83 34.69 -8.13 -12.02
N LYS A 84 35.86 -8.58 -11.59
CA LYS A 84 36.69 -7.86 -10.62
C LYS A 84 35.89 -7.62 -9.31
N GLY A 85 34.97 -8.50 -9.01
CA GLY A 85 34.13 -8.38 -7.83
C GLY A 85 32.94 -7.45 -7.97
N LEU A 86 32.85 -6.71 -9.08
CA LEU A 86 31.78 -5.73 -9.31
C LEU A 86 30.60 -6.31 -10.13
N LYS A 87 29.43 -5.71 -9.94
CA LYS A 87 28.26 -6.03 -10.72
C LYS A 87 28.53 -5.73 -12.18
N ILE A 88 28.07 -6.60 -13.08
CA ILE A 88 28.30 -6.47 -14.51
C ILE A 88 27.20 -5.61 -15.14
N GLU A 89 27.56 -4.70 -16.04
CA GLU A 89 26.60 -3.74 -16.60
C GLU A 89 25.46 -4.52 -17.26
N GLY A 90 24.21 -4.14 -16.98
CA GLY A 90 23.02 -4.82 -17.53
C GLY A 90 22.56 -6.07 -16.79
N PHE A 91 23.28 -6.52 -15.76
CA PHE A 91 22.88 -7.71 -14.99
C PHE A 91 21.87 -7.32 -13.92
N ASP A 92 21.22 -8.33 -13.33
CA ASP A 92 20.20 -8.10 -12.32
C ASP A 92 20.82 -8.02 -10.93
N PHE A 93 21.78 -8.90 -10.68
CA PHE A 93 22.42 -8.96 -9.39
C PHE A 93 23.91 -9.10 -9.55
N SER A 94 24.58 -8.95 -8.43
CA SER A 94 26.02 -8.96 -8.35
C SER A 94 26.39 -10.32 -7.83
N ASN A 95 27.48 -10.44 -7.07
CA ASN A 95 27.92 -11.73 -6.55
C ASN A 95 27.94 -11.78 -5.01
N SER A 96 27.04 -11.01 -4.41
CA SER A 96 26.83 -11.05 -2.96
C SER A 96 25.76 -12.06 -2.66
N PRO A 97 26.05 -13.04 -1.80
CA PRO A 97 25.01 -13.98 -1.40
C PRO A 97 23.74 -13.37 -0.80
N GLU A 99 21.95 -10.83 -1.68
CA GLU A 99 20.97 -10.33 -2.61
C GLU A 99 20.12 -11.43 -3.26
N TYR A 100 20.49 -12.70 -3.03
CA TYR A 100 19.76 -13.84 -3.54
C TYR A 100 18.82 -14.40 -2.49
N THR A 101 17.94 -13.53 -2.01
CA THR A 101 16.89 -13.90 -1.07
C THR A 101 15.84 -14.75 -1.75
N GLU A 102 15.06 -15.48 -0.94
CA GLU A 102 13.98 -16.35 -1.45
C GLU A 102 12.96 -15.58 -2.31
N ASP A 103 12.66 -14.36 -1.90
CA ASP A 103 11.74 -13.50 -2.62
C ASP A 103 12.22 -13.22 -4.04
N VAL A 104 13.52 -13.05 -4.17
CA VAL A 104 14.17 -12.69 -5.42
C VAL A 104 14.42 -13.92 -6.33
N VAL A 105 14.78 -15.05 -5.74
CA VAL A 105 15.20 -16.20 -6.50
C VAL A 105 14.25 -17.37 -6.61
N LYS A 106 13.19 -17.41 -5.81
CA LYS A 106 12.42 -18.64 -5.75
C LYS A 106 11.85 -18.99 -7.14
N GLY A 107 12.20 -20.17 -7.63
CA GLY A 107 11.64 -20.65 -8.89
C GLY A 107 12.34 -20.13 -10.12
N LYS A 108 13.28 -19.20 -9.92
CA LYS A 108 13.96 -18.56 -11.02
C LYS A 108 15.19 -19.37 -11.49
N THR A 109 15.67 -19.02 -12.68
CA THR A 109 16.85 -19.62 -13.27
C THR A 109 17.99 -18.58 -13.28
N LEU A 110 19.05 -18.85 -12.53
CA LEU A 110 20.13 -17.91 -12.35
C LEU A 110 21.26 -18.18 -13.35
N ILE A 111 21.40 -17.31 -14.33
CA ILE A 111 22.51 -17.37 -15.25
C ILE A 111 23.65 -16.57 -14.60
N THR A 113 28.10 -15.77 -14.41
CA THR A 113 29.47 -15.85 -14.84
C THR A 113 30.28 -15.08 -13.82
N THR A 114 31.37 -15.69 -13.36
CA THR A 114 32.26 -15.07 -12.37
C THR A 114 33.72 -15.19 -12.73
N THR A 115 34.55 -14.48 -11.98
CA THR A 115 35.98 -14.38 -12.24
C THR A 115 36.68 -15.75 -12.07
N ASN A 116 36.35 -16.51 -11.01
CA ASN A 116 37.02 -17.76 -10.64
C ASN A 116 36.13 -19.03 -10.58
N GLY A 117 35.11 -18.98 -9.71
CA GLY A 117 34.21 -20.12 -9.49
C GLY A 117 33.65 -20.80 -10.72
N THR A 118 33.11 -20.01 -11.66
CA THR A 118 32.45 -20.57 -12.86
C THR A 118 33.43 -21.30 -13.79
N ARG A 119 34.67 -20.81 -13.87
CA ARG A 119 35.77 -21.48 -14.60
C ARG A 119 36.12 -22.87 -13.99
N ALA A 120 36.24 -22.91 -12.67
CA ALA A 120 36.53 -24.14 -11.95
C ALA A 120 35.42 -25.22 -12.17
N ILE A 121 34.16 -24.75 -12.22
CA ILE A 121 33.03 -25.67 -12.39
C ILE A 121 33.11 -26.33 -13.77
N LYS A 122 33.16 -25.50 -14.81
CA LYS A 122 33.37 -26.00 -16.16
C LYS A 122 34.61 -26.87 -16.30
N GLY A 123 35.69 -26.51 -15.61
CA GLY A 123 36.95 -27.29 -15.69
C GLY A 123 36.91 -28.68 -15.09
N SER A 124 35.87 -28.96 -14.29
CA SER A 124 35.68 -30.25 -13.64
C SER A 124 34.71 -31.20 -14.36
N GLU A 125 34.27 -30.83 -15.58
CA GLU A 125 33.28 -31.62 -16.34
C GLU A 125 33.47 -33.13 -16.36
N THR A 126 34.70 -33.61 -16.38
CA THR A 126 34.91 -35.04 -16.58
C THR A 126 34.71 -35.85 -15.31
N ALA A 127 34.42 -35.19 -14.17
CA ALA A 127 34.26 -35.91 -12.91
C ALA A 127 32.98 -36.72 -12.95
N ARG A 128 32.90 -37.78 -12.15
CA ARG A 128 31.65 -38.52 -12.04
C ARG A 128 30.53 -37.66 -11.41
N ASP A 129 30.87 -36.94 -10.34
CA ASP A 129 29.94 -36.04 -9.69
C ASP A 129 30.65 -34.76 -9.40
N ILE A 130 30.07 -33.63 -9.82
CA ILE A 130 30.57 -32.31 -9.43
C ILE A 130 29.70 -31.70 -8.33
N LEU A 131 30.25 -31.56 -7.14
CA LEU A 131 29.56 -30.95 -6.01
C LEU A 131 29.97 -29.52 -5.81
N ILE A 132 29.08 -28.70 -5.27
CA ILE A 132 29.40 -27.31 -5.02
C ILE A 132 29.55 -27.14 -3.54
N GLY A 133 30.71 -26.68 -3.10
CA GLY A 133 31.00 -26.59 -1.68
C GLY A 133 31.43 -25.22 -1.23
N SER A 134 31.22 -24.98 0.06
CA SER A 134 31.51 -23.69 0.67
C SER A 134 31.56 -23.94 2.15
N VAL A 135 31.93 -22.93 2.91
CA VAL A 135 31.84 -23.06 4.38
C VAL A 135 30.41 -23.32 4.82
N LEU A 136 29.48 -22.66 4.14
CA LEU A 136 28.06 -22.71 4.52
C LEU A 136 27.49 -24.10 4.48
N ASN A 137 27.91 -24.93 3.52
CA ASN A 137 27.41 -26.30 3.40
C ASN A 137 28.48 -27.38 3.56
N GLY A 138 29.56 -27.04 4.23
CA GLY A 138 30.70 -27.94 4.42
C GLY A 138 30.34 -29.28 5.01
N GLU A 139 29.62 -29.30 6.12
CA GLU A 139 29.21 -30.55 6.72
C GLU A 139 28.37 -31.40 5.76
N ALA A 140 27.39 -30.77 5.12
CA ALA A 140 26.52 -31.50 4.22
C ALA A 140 27.30 -32.06 3.03
N VAL A 141 28.31 -31.32 2.57
CA VAL A 141 29.17 -31.80 1.47
C VAL A 141 29.93 -33.06 1.90
N ALA A 142 30.41 -33.04 3.13
CA ALA A 142 31.17 -34.16 3.63
C ALA A 142 30.26 -35.38 3.69
N GLU A 143 29.02 -35.16 4.10
CA GLU A 143 28.07 -36.24 4.14
C GLU A 143 27.79 -36.82 2.76
N LYS A 144 27.67 -35.96 1.75
CA LYS A 144 27.45 -36.41 0.37
C LYS A 144 28.67 -37.15 -0.22
N ILE A 145 29.84 -36.66 0.11
CA ILE A 145 31.08 -37.32 -0.25
C ILE A 145 31.15 -38.75 0.21
N VAL A 146 30.79 -38.98 1.46
CA VAL A 146 30.79 -40.34 2.04
C VAL A 146 29.76 -41.21 1.34
N GLU A 147 28.55 -40.69 1.13
CA GLU A 147 27.48 -41.44 0.45
C GLU A 147 27.92 -41.84 -0.95
N LEU A 148 28.58 -40.93 -1.67
CA LEU A 148 28.99 -41.16 -3.05
C LEU A 148 30.05 -42.24 -3.14
N ASN A 149 30.80 -42.40 -2.04
CA ASN A 149 31.72 -43.52 -1.86
C ASN A 149 32.76 -43.72 -2.98
N ASN A 150 33.29 -42.61 -3.48
CA ASN A 150 34.20 -42.57 -4.60
C ASN A 150 35.38 -41.71 -4.16
N ASP A 151 36.52 -41.83 -4.83
CA ASP A 151 37.65 -40.98 -4.56
C ASP A 151 37.29 -39.50 -4.86
N VAL A 152 37.97 -38.59 -4.18
CA VAL A 152 37.58 -37.22 -4.14
C VAL A 152 38.71 -36.33 -4.61
N VAL A 153 38.37 -35.28 -5.35
CA VAL A 153 39.30 -34.21 -5.58
C VAL A 153 38.59 -32.90 -5.22
N ILE A 154 39.23 -32.10 -4.39
CA ILE A 154 38.70 -30.79 -4.01
C ILE A 154 39.34 -29.74 -4.88
N VAL A 155 38.51 -29.13 -5.73
CA VAL A 155 39.00 -28.23 -6.77
C VAL A 155 38.83 -26.81 -6.26
N ASN A 156 39.92 -26.20 -5.78
CA ASN A 156 39.91 -24.79 -5.41
C ASN A 156 39.83 -23.94 -6.67
N ALA A 157 38.95 -22.95 -6.72
CA ALA A 157 38.93 -22.03 -7.86
C ALA A 157 40.17 -21.13 -7.79
N GLY A 158 40.59 -20.81 -6.56
CA GLY A 158 41.69 -19.87 -6.35
C GLY A 158 41.22 -18.48 -6.76
N THR A 159 42.15 -17.56 -6.99
CA THR A 159 41.79 -16.28 -7.54
C THR A 159 42.79 -15.97 -8.65
N TYR A 160 42.27 -15.63 -9.82
CA TYR A 160 43.09 -15.33 -10.97
C TYR A 160 44.12 -16.42 -11.24
N GLY A 161 43.71 -17.67 -11.16
CA GLY A 161 44.62 -18.78 -11.40
C GLY A 161 45.72 -19.00 -10.39
N GLU A 162 45.49 -18.60 -9.15
CA GLU A 162 46.47 -18.79 -8.11
C GLU A 162 45.87 -19.37 -6.85
N PHE A 163 46.69 -20.18 -6.20
CA PHE A 163 46.45 -20.66 -4.88
C PHE A 163 45.91 -19.51 -4.04
N SER A 164 44.77 -19.74 -3.38
CA SER A 164 44.15 -18.75 -2.50
C SER A 164 43.82 -19.36 -1.16
N ILE A 165 44.27 -18.69 -0.11
CA ILE A 165 44.07 -19.16 1.27
C ILE A 165 42.62 -19.41 1.67
N ASP A 166 41.69 -18.58 1.18
CA ASP A 166 40.25 -18.79 1.50
C ASP A 166 39.79 -20.16 0.98
N ASP A 167 40.04 -20.46 -0.29
CA ASP A 167 39.56 -21.70 -0.84
C ASP A 167 40.29 -22.90 -0.18
N PHE A 168 41.54 -22.69 0.19
CA PHE A 168 42.36 -23.75 0.74
C PHE A 168 41.89 -24.13 2.15
N ILE A 169 41.63 -23.13 3.00
CA ILE A 169 41.21 -23.45 4.35
C ILE A 169 39.82 -24.07 4.35
N CYS A 170 38.99 -23.61 3.41
CA CYS A 170 37.65 -24.14 3.26
C CYS A 170 37.74 -25.59 2.83
N SER A 171 38.68 -25.92 1.94
CA SER A 171 38.95 -27.33 1.60
C SER A 171 39.29 -28.13 2.83
N GLY A 172 40.15 -27.59 3.66
CA GLY A 172 40.56 -28.20 4.91
C GLY A 172 39.41 -28.48 5.84
N TYR A 173 38.51 -27.52 5.96
CA TYR A 173 37.35 -27.69 6.81
C TYR A 173 36.51 -28.86 6.35
N ILE A 174 36.33 -28.95 5.03
CA ILE A 174 35.49 -29.98 4.45
C ILE A 174 36.15 -31.36 4.63
N ILE A 175 37.46 -31.42 4.38
CA ILE A 175 38.22 -32.64 4.55
C ILE A 175 38.08 -33.09 6.02
N ASN A 176 38.19 -32.13 6.94
CA ASN A 176 38.04 -32.42 8.33
C ASN A 176 36.71 -33.04 8.66
N CYS A 177 35.66 -32.52 8.04
CA CYS A 177 34.29 -33.02 8.24
C CYS A 177 34.12 -34.43 7.68
N VAL A 178 34.83 -34.72 6.60
CA VAL A 178 34.86 -36.07 6.05
C VAL A 178 35.52 -36.99 7.07
N ASP A 180 35.71 -36.59 10.30
CA ASP A 180 34.79 -36.78 11.41
C ASP A 180 33.84 -37.95 11.11
N ARG A 181 33.50 -38.14 9.85
CA ARG A 181 32.60 -39.22 9.43
C ARG A 181 33.30 -40.49 9.03
N LYS A 183 37.32 -42.96 9.06
CA LYS A 183 38.74 -43.21 9.21
C LYS A 183 39.40 -43.87 7.96
N LYS A 184 38.61 -44.54 7.12
CA LYS A 184 39.15 -45.19 5.90
C LYS A 184 39.52 -44.20 4.80
N LEU A 185 40.46 -43.32 5.09
CA LEU A 185 40.85 -42.27 4.18
C LEU A 185 42.31 -42.33 3.84
N GLU A 186 42.64 -41.82 2.66
CA GLU A 186 44.06 -41.53 2.30
C GLU A 186 44.17 -40.15 1.67
N LEU A 187 44.75 -39.20 2.38
CA LEU A 187 44.91 -37.83 1.84
C LEU A 187 46.22 -37.69 1.07
N THR A 188 46.20 -36.91 -0.01
CA THR A 188 47.43 -36.45 -0.62
C THR A 188 48.03 -35.37 0.27
N ASP A 189 49.30 -35.08 0.07
CA ASP A 189 49.99 -34.08 0.88
C ASP A 189 49.28 -32.71 0.81
N ALA A 190 48.73 -32.37 -0.36
CA ALA A 190 48.01 -31.11 -0.54
C ALA A 190 46.80 -31.04 0.35
N ALA A 191 46.08 -32.16 0.42
CA ALA A 191 44.90 -32.29 1.26
C ALA A 191 45.24 -32.30 2.75
N THR A 192 46.23 -33.10 3.13
CA THR A 192 46.76 -33.10 4.48
C THR A 192 47.11 -31.67 4.94
N THR A 193 47.78 -30.92 4.07
CA THR A 193 48.21 -29.56 4.41
C THR A 193 47.02 -28.60 4.60
N ALA A 194 46.03 -28.67 3.71
CA ALA A 194 44.81 -27.88 3.88
C ALA A 194 44.15 -28.22 5.21
N GLN A 195 43.97 -29.51 5.50
CA GLN A 195 43.33 -29.93 6.72
C GLN A 195 44.10 -29.40 7.94
N TYR A 196 45.43 -29.40 7.84
CA TYR A 196 46.29 -28.90 8.90
C TYR A 196 46.06 -27.43 9.17
N VAL A 197 45.98 -26.64 8.08
CA VAL A 197 45.74 -25.21 8.16
C VAL A 197 44.39 -24.96 8.83
N TYR A 198 43.37 -25.73 8.40
CA TYR A 198 42.06 -25.60 9.01
C TYR A 198 42.10 -25.99 10.49
N LYS A 199 42.59 -27.19 10.76
CA LYS A 199 42.59 -27.76 12.12
C LYS A 199 43.26 -26.79 13.11
N THR A 200 44.25 -26.01 12.67
CA THR A 200 44.93 -25.03 13.53
C THR A 200 44.32 -23.62 13.50
N ASN A 201 43.15 -23.48 12.89
CA ASN A 201 42.49 -22.20 12.67
C ASN A 201 41.02 -22.48 12.44
N GLU A 202 40.39 -23.23 13.33
CA GLU A 202 39.01 -23.72 13.12
C GLU A 202 37.97 -22.65 12.86
N ASP A 203 38.18 -21.48 13.42
CA ASP A 203 37.24 -20.37 13.27
C ASP A 203 37.28 -19.85 11.83
N ILE A 204 38.31 -20.18 11.06
CA ILE A 204 38.39 -19.82 9.64
C ILE A 204 38.62 -18.32 9.38
N LYS A 205 37.69 -17.48 9.84
CA LYS A 205 37.75 -16.01 9.72
C LYS A 205 39.16 -15.45 9.87
N GLY A 206 39.80 -15.82 10.97
CA GLY A 206 41.08 -15.23 11.33
C GLY A 206 42.14 -15.43 10.26
N PHE A 207 42.23 -16.63 9.73
CA PHE A 207 43.32 -16.98 8.87
C PHE A 207 43.08 -16.50 7.44
N VAL A 208 41.82 -16.39 7.05
CA VAL A 208 41.52 -15.89 5.73
C VAL A 208 42.03 -14.46 5.55
N LYS A 209 42.08 -13.70 6.65
CA LYS A 209 42.60 -12.32 6.57
C LYS A 209 44.04 -12.22 6.02
N TYR A 210 44.77 -13.34 5.96
CA TYR A 210 46.09 -13.38 5.31
C TYR A 210 46.03 -13.57 3.80
N ALA A 211 44.86 -13.95 3.26
CA ALA A 211 44.71 -14.12 1.81
C ALA A 211 44.83 -12.80 1.08
N LYS A 212 45.54 -12.79 -0.05
CA LYS A 212 45.67 -11.59 -0.89
C LYS A 212 44.28 -11.10 -1.28
N HIS A 213 43.38 -12.02 -1.61
CA HIS A 213 42.01 -11.76 -2.05
C HIS A 213 41.18 -11.07 -0.98
N TYR A 214 41.48 -11.32 0.28
CA TYR A 214 40.81 -10.60 1.36
C TYR A 214 40.97 -9.09 1.23
N LYS A 215 42.13 -8.61 0.82
CA LYS A 215 42.31 -7.15 0.69
C LYS A 215 41.36 -6.66 -0.39
N ARG A 216 41.15 -7.48 -1.42
CA ARG A 216 40.25 -7.09 -2.51
C ARG A 216 38.78 -6.98 -2.02
N ILE A 217 38.38 -8.00 -1.28
CA ILE A 217 37.06 -8.06 -0.68
C ILE A 217 36.84 -6.83 0.23
N GLU A 219 38.46 -3.85 -0.03
CA GLU A 219 38.43 -2.58 -0.70
C GLU A 219 37.14 -2.43 -1.50
N LEU A 220 36.40 -3.52 -1.70
CA LEU A 220 35.07 -3.44 -2.28
C LEU A 220 33.96 -3.23 -1.23
N GLY A 221 34.33 -3.11 0.05
CA GLY A 221 33.37 -2.88 1.15
C GLY A 221 32.47 -4.07 1.45
N LEU A 222 33.01 -5.28 1.25
CA LEU A 222 32.21 -6.48 1.37
C LEU A 222 32.38 -7.20 2.69
N LYS A 223 32.63 -6.45 3.76
CA LYS A 223 32.71 -6.99 5.11
C LYS A 223 31.52 -7.90 5.47
N LYS A 224 30.31 -7.48 5.13
CA LYS A 224 29.10 -8.28 5.36
C LYS A 224 29.17 -9.63 4.65
N ASP A 225 29.54 -9.62 3.37
CA ASP A 225 29.62 -10.89 2.61
C ASP A 225 30.69 -11.78 3.23
N PHE A 226 31.82 -11.19 3.61
CA PHE A 226 32.93 -11.93 4.24
C PHE A 226 32.47 -12.66 5.53
N GLU A 227 31.76 -11.95 6.41
CA GLU A 227 31.35 -12.56 7.67
C GLU A 227 30.33 -13.66 7.41
N TYR A 228 29.45 -13.43 6.43
CA TYR A 228 28.42 -14.39 6.10
C TYR A 228 29.04 -15.68 5.54
N CYS A 229 29.95 -15.54 4.58
CA CYS A 229 30.59 -16.70 3.95
C CYS A 229 31.48 -17.53 4.88
N CYS A 230 31.82 -16.98 6.03
CA CYS A 230 32.54 -17.73 7.04
C CYS A 230 31.66 -18.50 8.01
N LYS A 231 30.33 -18.38 7.88
CA LYS A 231 29.42 -19.11 8.76
C LYS A 231 29.36 -20.60 8.39
N LYS A 232 29.58 -21.44 9.40
CA LYS A 232 29.61 -22.89 9.21
C LYS A 232 28.22 -23.51 9.15
N ASP A 233 28.01 -24.44 8.23
CA ASP A 233 26.90 -25.41 8.37
C ASP A 233 25.55 -24.77 8.54
N ILE A 234 25.28 -23.71 7.81
CA ILE A 234 23.95 -23.13 7.82
C ILE A 234 23.13 -23.60 6.62
N VAL A 235 23.75 -24.22 5.64
CA VAL A 235 23.00 -24.79 4.53
C VAL A 235 23.20 -26.30 4.48
N LYS A 236 22.10 -27.05 4.40
CA LYS A 236 22.11 -28.53 4.41
C LYS A 236 22.02 -29.13 3.01
N LEU A 237 22.09 -28.27 2.01
CA LEU A 237 21.93 -28.63 0.62
C LEU A 237 23.31 -28.76 -0.04
N VAL A 238 23.43 -29.73 -0.95
CA VAL A 238 24.64 -29.88 -1.73
C VAL A 238 24.35 -29.75 -3.21
N PRO A 239 24.49 -28.56 -3.76
CA PRO A 239 24.23 -28.42 -5.17
C PRO A 239 25.16 -29.26 -6.03
N GLN A 240 24.66 -29.63 -7.19
CA GLN A 240 25.40 -30.54 -8.03
C GLN A 240 25.31 -30.07 -9.48
N TYR A 241 26.45 -29.98 -10.14
CA TYR A 241 26.53 -29.57 -11.55
C TYR A 241 26.40 -30.81 -12.43
N THR A 242 25.47 -30.77 -13.36
CA THR A 242 25.13 -31.90 -14.20
C THR A 242 24.63 -31.37 -15.51
N ASN A 243 25.26 -31.74 -16.63
CA ASN A 243 24.82 -31.33 -17.95
C ASN A 243 24.60 -29.83 -18.04
N GLY A 244 25.57 -29.04 -17.59
CA GLY A 244 25.51 -27.58 -17.72
C GLY A 244 24.64 -26.81 -16.75
N GLU A 245 24.08 -27.49 -15.76
CA GLU A 245 23.12 -26.91 -14.84
C GLU A 245 23.47 -27.30 -13.45
N ILE A 246 23.18 -26.43 -12.50
CA ILE A 246 23.29 -26.77 -11.09
C ILE A 246 21.92 -26.77 -10.42
N LEU A 247 21.55 -27.90 -9.82
CA LEU A 247 20.34 -28.04 -9.02
C LEU A 247 20.67 -28.59 -7.60
N LYS B 14 -10.74 16.97 19.47
CA LYS B 14 -11.55 16.70 18.28
C LYS B 14 -10.77 15.88 17.25
N ILE B 15 -11.44 14.90 16.65
CA ILE B 15 -10.86 14.14 15.55
C ILE B 15 -11.74 14.21 14.33
N ASP B 16 -11.12 14.65 13.22
CA ASP B 16 -11.77 14.74 11.92
C ASP B 16 -11.06 13.85 10.90
N LEU B 17 -11.64 13.71 9.71
CA LEU B 17 -11.08 12.86 8.67
C LEU B 17 -11.34 13.53 7.34
N ILE B 18 -10.31 13.55 6.49
CA ILE B 18 -10.39 14.05 5.13
C ILE B 18 -10.23 12.85 4.19
N ILE B 19 -11.10 12.74 3.19
CA ILE B 19 -11.25 11.52 2.40
C ILE B 19 -10.24 11.30 1.28
N SER B 20 -9.51 12.35 0.85
CA SER B 20 -8.56 12.23 -0.25
C SER B 20 -7.67 13.46 -0.36
N ALA B 21 -6.53 13.27 -1.01
CA ALA B 21 -5.62 14.38 -1.31
C ALA B 21 -6.29 15.52 -2.05
N ASP B 22 -7.29 15.24 -2.87
CA ASP B 22 -8.01 16.29 -3.59
C ASP B 22 -9.13 16.94 -2.80
N ASP B 23 -9.34 16.52 -1.55
CA ASP B 23 -10.41 17.10 -0.73
C ASP B 23 -9.87 17.76 0.53
N ILE B 24 -8.57 18.06 0.53
CA ILE B 24 -7.94 18.78 1.61
C ILE B 24 -8.27 20.24 1.50
N LYS B 25 -8.71 20.85 2.58
CA LYS B 25 -8.94 22.29 2.64
C LYS B 25 -8.08 22.77 3.82
N GLU B 26 -7.30 23.82 3.61
CA GLU B 26 -6.40 24.34 4.65
C GLU B 26 -7.05 24.52 6.02
N GLU B 27 -8.26 25.08 6.05
CA GLU B 27 -8.96 25.38 7.31
C GLU B 27 -9.22 24.13 8.16
N LYS B 28 -9.30 22.98 7.52
CA LYS B 28 -9.48 21.73 8.24
C LYS B 28 -8.15 21.15 8.74
N VAL B 29 -7.04 21.71 8.29
CA VAL B 29 -5.72 21.18 8.61
C VAL B 29 -4.88 22.12 9.46
N LYS B 30 -4.96 23.42 9.23
CA LYS B 30 -4.05 24.34 9.90
C LYS B 30 -4.09 24.21 11.42
N ASN B 31 -2.90 24.22 12.03
CA ASN B 31 -2.68 24.15 13.49
C ASN B 31 -3.11 22.85 14.19
N LYS B 32 -3.51 21.85 13.42
CA LYS B 32 -3.92 20.60 13.99
C LYS B 32 -2.78 19.59 13.97
N THR B 33 -3.01 18.45 14.60
CA THR B 33 -2.18 17.28 14.44
C THR B 33 -2.73 16.55 13.22
N ALA B 34 -1.98 16.58 12.12
CA ALA B 34 -2.40 15.91 10.88
C ALA B 34 -1.79 14.55 10.79
N VAL B 35 -2.57 13.54 10.44
CA VAL B 35 -2.02 12.19 10.25
C VAL B 35 -2.25 11.74 8.82
N VAL B 36 -1.20 11.60 8.05
CA VAL B 36 -1.35 11.26 6.66
C VAL B 36 -1.32 9.76 6.46
N ILE B 37 -2.30 9.25 5.69
CA ILE B 37 -2.45 7.82 5.49
C ILE B 37 -2.54 7.44 4.00
N ASP B 38 -1.58 6.63 3.55
CA ASP B 38 -1.63 5.98 2.24
C ASP B 38 -1.07 4.58 2.45
N LEU B 40 -1.46 1.52 1.25
CA LEU B 40 -1.06 0.68 0.15
C LEU B 40 -0.63 1.62 -0.96
N ARG B 41 0.62 2.13 -0.90
CA ARG B 41 1.69 1.68 0.00
C ARG B 41 2.57 2.80 0.57
N ALA B 42 2.42 4.04 0.11
CA ALA B 42 3.41 5.08 0.40
C ALA B 42 3.73 5.27 1.87
N THR B 43 2.75 5.32 2.76
CA THR B 43 3.05 5.57 4.18
C THR B 43 3.55 4.30 4.86
N SER B 44 3.26 3.13 4.29
CA SER B 44 3.83 1.89 4.78
C SER B 44 5.30 1.81 4.43
N VAL B 45 5.63 2.31 3.23
CA VAL B 45 7.00 2.42 2.80
C VAL B 45 7.78 3.37 3.69
N ILE B 46 7.29 4.58 3.85
CA ILE B 46 7.95 5.58 4.70
C ILE B 46 8.16 5.06 6.13
N THR B 47 7.12 4.49 6.70
CA THR B 47 7.21 3.92 8.03
C THR B 47 8.27 2.82 8.09
N THR B 48 8.29 1.94 7.11
CA THR B 48 9.23 0.84 7.12
C THR B 48 10.67 1.28 6.94
N ALA B 49 10.91 2.16 5.98
CA ALA B 49 12.28 2.59 5.69
C ALA B 49 12.87 3.28 6.91
N LEU B 50 12.13 4.20 7.53
CA LEU B 50 12.66 4.93 8.68
C LEU B 50 12.92 4.01 9.86
N ASN B 51 12.01 3.06 10.05
CA ASN B 51 12.20 2.07 11.08
C ASN B 51 13.42 1.18 10.79
N ASN B 52 13.80 1.03 9.52
CA ASN B 52 15.02 0.29 9.16
C ASN B 52 16.28 1.18 9.08
N GLY B 53 16.24 2.36 9.71
CA GLY B 53 17.45 3.15 9.95
C GLY B 53 17.75 4.15 8.84
N CYS B 54 16.82 4.30 7.93
CA CYS B 54 16.92 5.34 6.96
C CYS B 54 17.07 6.72 7.63
N LYS B 55 17.89 7.58 7.07
CA LYS B 55 18.20 8.88 7.69
C LYS B 55 17.03 9.89 7.56
N ARG B 56 16.54 10.04 6.33
CA ARG B 56 15.38 10.89 6.05
C ARG B 56 14.65 10.47 4.81
N VAL B 57 13.37 10.81 4.74
CA VAL B 57 12.62 10.69 3.49
C VAL B 57 12.24 12.09 3.01
N VAL B 58 12.54 12.37 1.74
CA VAL B 58 12.18 13.64 1.11
C VAL B 58 11.08 13.39 0.06
N PRO B 59 9.82 13.72 0.39
CA PRO B 59 8.71 13.50 -0.53
C PRO B 59 8.60 14.67 -1.53
N VAL B 60 8.41 14.36 -2.81
CA VAL B 60 8.26 15.38 -3.84
C VAL B 60 7.11 15.02 -4.75
N LEU B 61 6.66 15.99 -5.53
CA LEU B 61 5.50 15.79 -6.36
C LEU B 61 5.83 15.34 -7.77
N THR B 62 7.01 15.67 -8.31
CA THR B 62 7.29 15.32 -9.67
C THR B 62 8.61 14.55 -9.77
N VAL B 63 8.74 13.77 -10.85
CA VAL B 63 9.98 13.10 -11.16
C VAL B 63 11.12 14.10 -11.40
N GLU B 64 10.82 15.23 -12.04
CA GLU B 64 11.83 16.23 -12.34
C GLU B 64 12.42 16.76 -11.05
N GLU B 65 11.55 17.06 -10.10
CA GLU B 65 11.96 17.56 -8.80
C GLU B 65 12.79 16.51 -8.03
N ALA B 66 12.40 15.25 -8.15
CA ALA B 66 13.12 14.16 -7.51
C ALA B 66 14.55 14.03 -8.00
N LEU B 67 14.77 14.18 -9.30
CA LEU B 67 16.10 14.06 -9.89
C LEU B 67 17.01 15.20 -9.50
N LYS B 68 16.42 16.37 -9.31
CA LYS B 68 17.08 17.56 -8.85
C LYS B 68 17.48 17.40 -7.37
N LYS B 69 16.59 16.82 -6.57
CA LYS B 69 16.87 16.60 -5.15
C LYS B 69 18.05 15.67 -4.89
N VAL B 70 18.19 14.64 -5.73
CA VAL B 70 19.32 13.73 -5.64
C VAL B 70 20.66 14.47 -5.64
N LYS B 71 20.81 15.42 -6.56
CA LYS B 71 22.05 16.19 -6.65
C LYS B 71 22.31 16.98 -5.36
N GLU B 72 21.25 17.39 -4.68
CA GLU B 72 21.37 18.16 -3.44
C GLU B 72 21.85 17.30 -2.26
N TYR B 73 21.44 16.05 -2.22
CA TYR B 73 21.80 15.17 -1.11
C TYR B 73 22.96 14.19 -1.40
N GLY B 74 23.56 14.28 -2.58
CA GLY B 74 24.83 13.58 -2.85
C GLY B 74 24.81 12.06 -2.89
N LYS B 75 25.95 11.45 -2.57
CA LYS B 75 26.16 9.99 -2.60
C LYS B 75 25.14 9.15 -1.82
N ASP B 76 24.61 9.72 -0.74
CA ASP B 76 23.72 8.99 0.18
C ASP B 76 22.28 8.95 -0.23
N ALA B 77 21.95 9.57 -1.36
CA ALA B 77 20.55 9.71 -1.81
C ALA B 77 20.17 8.50 -2.62
N ILE B 78 18.92 8.04 -2.46
CA ILE B 78 18.33 7.03 -3.33
C ILE B 78 16.98 7.48 -3.82
N LEU B 79 16.53 6.92 -4.96
CA LEU B 79 15.25 7.30 -5.58
C LEU B 79 14.26 6.15 -5.50
N GLY B 80 13.10 6.44 -4.91
CA GLY B 80 11.99 5.48 -4.83
C GLY B 80 10.61 6.06 -5.10
N GLY B 81 9.61 5.19 -5.03
CA GLY B 81 8.20 5.57 -5.26
C GLY B 81 7.62 4.86 -6.48
N GLU B 82 6.58 5.47 -7.07
CA GLU B 82 5.90 4.84 -8.21
C GLU B 82 5.05 5.81 -9.01
N ARG B 83 4.70 5.37 -10.23
CA ARG B 83 3.60 5.88 -11.00
C ARG B 83 2.74 4.72 -11.50
N LYS B 84 1.44 4.79 -11.21
CA LYS B 84 0.49 3.72 -11.52
C LYS B 84 0.84 2.44 -10.77
N GLY B 85 1.59 2.57 -9.68
CA GLY B 85 2.06 1.40 -8.93
C GLY B 85 3.37 0.78 -9.40
N LEU B 86 3.91 1.26 -10.53
CA LEU B 86 5.11 0.71 -11.15
C LEU B 86 6.36 1.50 -10.80
N LYS B 87 7.52 0.83 -10.86
CA LYS B 87 8.82 1.46 -10.65
C LYS B 87 9.00 2.51 -11.72
N ILE B 88 9.57 3.65 -11.36
CA ILE B 88 9.79 4.74 -12.30
C ILE B 88 11.13 4.58 -12.99
N GLU B 89 11.18 4.85 -14.28
CA GLU B 89 12.39 4.64 -15.05
C GLU B 89 13.56 5.41 -14.44
N GLY B 90 14.70 4.74 -14.28
CA GLY B 90 15.88 5.36 -13.71
C GLY B 90 15.88 5.52 -12.19
N PHE B 91 14.87 5.03 -11.49
CA PHE B 91 14.89 5.05 -10.03
C PHE B 91 15.59 3.80 -9.52
N ASP B 92 15.92 3.80 -8.23
CA ASP B 92 16.61 2.69 -7.59
C ASP B 92 15.58 1.68 -7.04
N PHE B 93 14.49 2.17 -6.47
CA PHE B 93 13.50 1.32 -5.90
C PHE B 93 12.09 1.71 -6.33
N SER B 94 11.17 0.81 -6.01
CA SER B 94 9.79 0.97 -6.31
C SER B 94 9.08 1.50 -5.06
N ASN B 95 7.82 1.11 -4.87
CA ASN B 95 7.05 1.48 -3.67
C ASN B 95 6.62 0.25 -2.83
N SER B 96 7.42 -0.81 -2.91
CA SER B 96 7.21 -1.99 -2.07
C SER B 96 8.01 -1.79 -0.81
N PRO B 97 7.37 -1.89 0.36
CA PRO B 97 8.13 -1.76 1.60
C PRO B 97 9.25 -2.79 1.79
N GLU B 99 11.48 -3.87 -0.19
CA GLU B 99 12.74 -3.55 -0.80
C GLU B 99 13.53 -2.52 -0.01
N TYR B 100 12.92 -1.92 1.01
CA TYR B 100 13.59 -0.93 1.87
C TYR B 100 14.15 -1.57 3.15
N THR B 101 14.96 -2.60 2.97
CA THR B 101 15.62 -3.29 4.06
C THR B 101 16.70 -2.43 4.66
N GLU B 102 17.10 -2.76 5.87
CA GLU B 102 18.13 -2.02 6.59
C GLU B 102 19.44 -1.94 5.83
N ASP B 103 19.80 -3.02 5.15
CA ASP B 103 21.01 -3.07 4.33
C ASP B 103 20.99 -2.04 3.20
N VAL B 104 19.82 -1.84 2.66
CA VAL B 104 19.61 -0.95 1.53
C VAL B 104 19.50 0.51 1.96
N VAL B 105 18.81 0.77 3.07
CA VAL B 105 18.43 2.15 3.46
C VAL B 105 19.17 2.74 4.64
N LYS B 106 19.94 1.96 5.37
CA LYS B 106 20.51 2.51 6.60
C LYS B 106 21.37 3.74 6.27
N GLY B 107 21.02 4.88 6.87
CA GLY B 107 21.80 6.10 6.73
C GLY B 107 21.57 6.87 5.46
N LYS B 108 20.75 6.31 4.57
CA LYS B 108 20.55 6.89 3.26
C LYS B 108 19.44 7.91 3.30
N THR B 109 19.36 8.75 2.27
CA THR B 109 18.29 9.73 2.08
C THR B 109 17.39 9.29 0.95
N LEU B 110 16.14 9.02 1.26
CA LEU B 110 15.19 8.50 0.29
C LEU B 110 14.35 9.62 -0.34
N ILE B 111 14.64 9.93 -1.61
CA ILE B 111 13.86 10.87 -2.37
C ILE B 111 12.71 10.05 -2.98
N THR B 113 8.54 10.10 -4.80
CA THR B 113 7.35 10.69 -5.33
C THR B 113 6.42 9.52 -5.64
N THR B 114 5.14 9.68 -5.28
CA THR B 114 4.13 8.68 -5.51
C THR B 114 2.84 9.28 -6.03
N THR B 115 1.96 8.39 -6.43
CA THR B 115 0.68 8.79 -6.99
C THR B 115 -0.21 9.53 -5.97
N ASN B 116 -0.32 9.03 -4.74
CA ASN B 116 -1.29 9.52 -3.77
C ASN B 116 -0.65 10.08 -2.47
N GLY B 117 0.14 9.25 -1.79
CA GLY B 117 0.75 9.61 -0.51
C GLY B 117 1.53 10.91 -0.45
N THR B 118 2.41 11.15 -1.43
CA THR B 118 3.26 12.33 -1.41
C THR B 118 2.49 13.64 -1.63
N ARG B 119 1.43 13.59 -2.43
CA ARG B 119 0.54 14.75 -2.59
C ARG B 119 -0.18 15.08 -1.29
N ALA B 120 -0.65 14.06 -0.57
CA ALA B 120 -1.34 14.26 0.72
C ALA B 120 -0.45 14.86 1.81
N ILE B 121 0.83 14.45 1.81
CA ILE B 121 1.83 14.97 2.76
C ILE B 121 2.05 16.46 2.51
N LYS B 122 2.40 16.82 1.27
CA LYS B 122 2.52 18.20 0.87
C LYS B 122 1.27 19.03 1.17
N GLY B 123 0.10 18.44 0.96
CA GLY B 123 -1.16 19.19 1.13
C GLY B 123 -1.50 19.52 2.55
N SER B 124 -0.79 18.89 3.50
CA SER B 124 -0.98 19.09 4.93
C SER B 124 0.00 20.08 5.59
N GLU B 125 0.82 20.78 4.78
CA GLU B 125 1.89 21.71 5.27
C GLU B 125 1.48 22.58 6.47
N THR B 126 0.26 23.09 6.49
CA THR B 126 -0.11 24.11 7.46
C THR B 126 -0.44 23.55 8.84
N ALA B 127 -0.39 22.23 9.01
CA ALA B 127 -0.69 21.61 10.29
C ALA B 127 0.43 21.92 11.27
N ARG B 128 0.11 21.89 12.56
CA ARG B 128 1.14 22.05 13.58
C ARG B 128 2.14 20.90 13.51
N ASP B 129 1.64 19.67 13.42
CA ASP B 129 2.47 18.48 13.34
C ASP B 129 1.90 17.60 12.26
N ILE B 130 2.74 17.16 11.33
CA ILE B 130 2.34 16.17 10.32
C ILE B 130 2.93 14.81 10.67
N LEU B 131 2.08 13.89 11.09
CA LEU B 131 2.51 12.52 11.38
C LEU B 131 2.26 11.58 10.19
N ILE B 132 3.08 10.55 10.08
CA ILE B 132 2.91 9.56 9.04
C ILE B 132 2.35 8.29 9.65
N GLY B 133 1.16 7.90 9.20
CA GLY B 133 0.43 6.78 9.77
C GLY B 133 0.19 5.63 8.80
N SER B 134 0.09 4.43 9.36
CA SER B 134 -0.15 3.24 8.58
C SER B 134 -0.68 2.21 9.57
N VAL B 135 -1.08 1.05 9.09
CA VAL B 135 -1.47 -0.03 10.00
C VAL B 135 -0.25 -0.48 10.81
N LEU B 136 0.92 -0.44 10.18
CA LEU B 136 2.15 -0.92 10.81
C LEU B 136 2.45 -0.19 12.10
N ASN B 137 2.22 1.13 12.13
CA ASN B 137 2.52 1.93 13.32
C ASN B 137 1.32 2.58 13.96
N GLY B 138 0.14 2.02 13.72
CA GLY B 138 -1.13 2.57 14.21
C GLY B 138 -1.15 2.86 15.69
N GLU B 139 -0.78 1.87 16.51
CA GLU B 139 -0.77 2.08 17.97
C GLU B 139 0.19 3.20 18.36
N ALA B 140 1.38 3.21 17.76
CA ALA B 140 2.39 4.22 18.09
C ALA B 140 1.89 5.62 17.69
N VAL B 141 1.21 5.71 16.54
CA VAL B 141 0.62 6.98 16.09
C VAL B 141 -0.43 7.48 17.07
N ALA B 142 -1.24 6.58 17.60
CA ALA B 142 -2.25 6.96 18.60
C ALA B 142 -1.58 7.50 19.87
N GLU B 143 -0.48 6.88 20.27
CA GLU B 143 0.29 7.33 21.41
C GLU B 143 0.79 8.76 21.17
N LYS B 144 1.33 9.02 19.98
CA LYS B 144 1.90 10.32 19.69
C LYS B 144 0.82 11.38 19.64
N ILE B 145 -0.35 11.03 19.08
CA ILE B 145 -1.50 11.92 19.06
C ILE B 145 -1.85 12.39 20.46
N VAL B 146 -1.92 11.44 21.39
CA VAL B 146 -2.30 11.77 22.77
C VAL B 146 -1.27 12.69 23.38
N GLU B 147 -0.01 12.36 23.18
CA GLU B 147 1.07 13.19 23.70
C GLU B 147 0.97 14.62 23.17
N LEU B 148 0.73 14.76 21.87
CA LEU B 148 0.68 16.07 21.23
C LEU B 148 -0.45 16.94 21.75
N ASN B 149 -1.50 16.27 22.21
CA ASN B 149 -2.55 16.94 22.95
C ASN B 149 -3.24 18.08 22.19
N ASN B 150 -3.42 17.87 20.88
CA ASN B 150 -3.99 18.88 19.98
C ASN B 150 -5.11 18.22 19.21
N ASP B 151 -6.01 19.01 18.63
CA ASP B 151 -7.08 18.43 17.79
C ASP B 151 -6.46 17.73 16.59
N VAL B 152 -7.17 16.76 16.05
CA VAL B 152 -6.59 15.86 15.07
C VAL B 152 -7.38 15.85 13.77
N VAL B 153 -6.66 15.78 12.66
CA VAL B 153 -7.29 15.49 11.38
C VAL B 153 -6.55 14.34 10.72
N ILE B 154 -7.30 13.32 10.32
CA ILE B 154 -6.72 12.17 9.65
C ILE B 154 -6.92 12.32 8.16
N VAL B 155 -5.81 12.55 7.47
CA VAL B 155 -5.83 12.91 6.07
C VAL B 155 -5.60 11.65 5.26
N ASN B 156 -6.67 11.07 4.73
CA ASN B 156 -6.52 9.97 3.79
C ASN B 156 -5.95 10.52 2.50
N ALA B 157 -4.99 9.81 1.92
CA ALA B 157 -4.53 10.15 0.60
C ALA B 157 -5.56 9.78 -0.47
N GLY B 158 -6.28 8.68 -0.24
CA GLY B 158 -7.19 8.15 -1.24
C GLY B 158 -6.44 7.52 -2.38
N THR B 159 -7.14 7.29 -3.48
CA THR B 159 -6.51 6.95 -4.75
C THR B 159 -7.07 7.87 -5.81
N TYR B 160 -6.19 8.45 -6.61
CA TYR B 160 -6.57 9.34 -7.70
C TYR B 160 -7.65 10.31 -7.24
N GLY B 161 -7.45 10.91 -6.06
CA GLY B 161 -8.40 11.89 -5.54
C GLY B 161 -9.78 11.37 -5.15
N GLU B 162 -9.89 10.11 -4.75
CA GLU B 162 -11.16 9.56 -4.29
C GLU B 162 -11.01 8.86 -2.97
N PHE B 163 -12.11 8.92 -2.22
CA PHE B 163 -12.30 8.07 -1.05
C PHE B 163 -11.82 6.63 -1.38
N SER B 164 -10.98 6.09 -0.52
CA SER B 164 -10.48 4.73 -0.66
C SER B 164 -10.66 3.93 0.64
N ILE B 165 -11.27 2.77 0.52
CA ILE B 165 -11.58 1.93 1.69
C ILE B 165 -10.32 1.57 2.53
N ASP B 166 -9.20 1.31 1.84
CA ASP B 166 -7.97 0.99 2.56
C ASP B 166 -7.59 2.14 3.53
N ASP B 167 -7.48 3.36 3.03
CA ASP B 167 -7.04 4.46 3.86
C ASP B 167 -8.07 4.74 4.94
N PHE B 168 -9.34 4.55 4.57
CA PHE B 168 -10.48 4.83 5.47
C PHE B 168 -10.48 3.88 6.65
N ILE B 169 -10.31 2.59 6.42
CA ILE B 169 -10.35 1.62 7.53
C ILE B 169 -9.11 1.72 8.41
N CYS B 170 -8.00 2.09 7.80
CA CYS B 170 -6.78 2.35 8.54
C CYS B 170 -6.99 3.52 9.48
N SER B 171 -7.67 4.55 8.99
CA SER B 171 -8.04 5.71 9.77
C SER B 171 -8.83 5.27 11.01
N GLY B 172 -9.79 4.40 10.78
CA GLY B 172 -10.60 3.83 11.86
C GLY B 172 -9.82 3.06 12.90
N TYR B 173 -8.85 2.28 12.44
CA TYR B 173 -7.98 1.51 13.33
C TYR B 173 -7.27 2.49 14.24
N ILE B 174 -6.76 3.58 13.67
CA ILE B 174 -5.95 4.50 14.47
C ILE B 174 -6.84 5.28 15.44
N ILE B 175 -8.02 5.67 14.98
CA ILE B 175 -8.97 6.35 15.83
C ILE B 175 -9.35 5.45 17.01
N ASN B 176 -9.53 4.17 16.71
CA ASN B 176 -9.85 3.23 17.76
C ASN B 176 -8.75 3.13 18.79
N CYS B 177 -7.49 3.16 18.34
CA CYS B 177 -6.34 3.09 19.23
C CYS B 177 -6.23 4.34 20.10
N VAL B 178 -6.65 5.47 19.57
CA VAL B 178 -6.71 6.70 20.36
C VAL B 178 -7.79 6.55 21.45
N ASP B 180 -8.83 3.73 22.76
CA ASP B 180 -8.31 2.81 23.75
C ASP B 180 -7.51 3.60 24.78
N ARG B 181 -6.85 4.67 24.33
CA ARG B 181 -6.05 5.51 25.20
C ARG B 181 -6.83 6.62 25.88
N LYS B 183 -11.05 8.64 26.80
CA LYS B 183 -12.49 8.94 26.69
C LYS B 183 -12.84 10.41 26.33
N LYS B 184 -11.91 11.34 26.60
CA LYS B 184 -12.12 12.79 26.31
C LYS B 184 -12.04 13.13 24.78
N LEU B 185 -12.91 12.49 23.97
CA LEU B 185 -12.86 12.60 22.51
C LEU B 185 -14.17 13.11 21.88
N GLU B 186 -14.04 13.85 20.79
CA GLU B 186 -15.20 14.22 19.97
C GLU B 186 -14.91 13.94 18.50
N LEU B 187 -15.50 12.89 17.96
CA LEU B 187 -15.30 12.54 16.55
C LEU B 187 -16.29 13.25 15.66
N THR B 188 -15.83 13.72 14.50
CA THR B 188 -16.77 14.13 13.48
C THR B 188 -17.42 12.87 12.89
N ASP B 189 -18.52 13.04 12.16
CA ASP B 189 -19.23 11.91 11.62
C ASP B 189 -18.36 11.06 10.71
N ALA B 190 -17.48 11.71 9.97
CA ALA B 190 -16.57 10.99 9.07
C ALA B 190 -15.67 10.07 9.86
N ALA B 191 -15.18 10.54 11.01
CA ALA B 191 -14.28 9.77 11.87
C ALA B 191 -15.03 8.66 12.60
N THR B 192 -16.19 9.00 13.14
CA THR B 192 -17.10 8.01 13.72
C THR B 192 -17.35 6.87 12.73
N THR B 193 -17.61 7.20 11.47
CA THR B 193 -17.89 6.17 10.47
C THR B 193 -16.66 5.31 10.17
N ALA B 194 -15.49 5.93 10.02
CA ALA B 194 -14.29 5.13 9.81
C ALA B 194 -14.10 4.16 10.95
N GLN B 195 -14.20 4.66 12.18
CA GLN B 195 -14.03 3.80 13.36
C GLN B 195 -15.03 2.65 13.37
N TYR B 196 -16.26 2.93 12.94
CA TYR B 196 -17.31 1.91 12.87
C TYR B 196 -16.97 0.81 11.85
N VAL B 197 -16.47 1.22 10.69
CA VAL B 197 -16.01 0.25 9.67
C VAL B 197 -14.87 -0.64 10.19
N TYR B 198 -13.90 -0.01 10.88
CA TYR B 198 -12.82 -0.76 11.53
C TYR B 198 -13.35 -1.67 12.62
N LYS B 199 -14.10 -1.11 13.57
CA LYS B 199 -14.59 -1.86 14.75
C LYS B 199 -15.33 -3.14 14.33
N THR B 200 -16.03 -3.09 13.19
CA THR B 200 -16.74 -4.27 12.61
C THR B 200 -15.93 -5.12 11.61
N ASN B 201 -14.63 -4.84 11.49
CA ASN B 201 -13.74 -5.56 10.58
C ASN B 201 -12.33 -5.43 11.11
N GLU B 202 -12.13 -5.81 12.38
CA GLU B 202 -10.86 -5.54 13.08
C GLU B 202 -9.63 -6.15 12.42
N ASP B 203 -9.84 -7.25 11.71
CA ASP B 203 -8.77 -7.92 10.99
C ASP B 203 -8.26 -7.07 9.83
N ILE B 204 -9.07 -6.12 9.35
CA ILE B 204 -8.67 -5.17 8.28
C ILE B 204 -8.54 -5.76 6.86
N LYS B 205 -7.68 -6.77 6.71
CA LYS B 205 -7.53 -7.56 5.48
C LYS B 205 -8.83 -7.78 4.72
N GLY B 206 -9.82 -8.37 5.42
CA GLY B 206 -11.03 -8.80 4.77
C GLY B 206 -11.77 -7.68 4.08
N PHE B 207 -11.84 -6.54 4.73
CA PHE B 207 -12.67 -5.47 4.23
C PHE B 207 -12.00 -4.63 3.14
N VAL B 208 -10.68 -4.61 3.20
CA VAL B 208 -9.90 -3.91 2.21
C VAL B 208 -10.06 -4.57 0.84
N LYS B 209 -10.40 -5.84 0.80
CA LYS B 209 -10.66 -6.49 -0.46
C LYS B 209 -11.78 -5.87 -1.30
N TYR B 210 -12.66 -5.07 -0.68
CA TYR B 210 -13.72 -4.35 -1.41
C TYR B 210 -13.27 -3.05 -2.01
N ALA B 211 -12.09 -2.57 -1.65
CA ALA B 211 -11.55 -1.35 -2.21
C ALA B 211 -11.26 -1.49 -3.68
N LYS B 212 -11.60 -0.48 -4.48
CA LYS B 212 -11.31 -0.53 -5.94
C LYS B 212 -9.81 -0.73 -6.13
N HIS B 213 -9.03 -0.02 -5.32
CA HIS B 213 -7.58 -0.02 -5.35
C HIS B 213 -7.01 -1.43 -5.16
N TYR B 214 -7.65 -2.23 -4.33
CA TYR B 214 -7.19 -3.59 -4.10
C TYR B 214 -7.08 -4.37 -5.41
N LYS B 215 -7.99 -4.15 -6.35
CA LYS B 215 -7.94 -4.84 -7.64
C LYS B 215 -6.67 -4.44 -8.37
N ARG B 216 -6.28 -3.19 -8.21
CA ARG B 216 -5.06 -2.70 -8.86
C ARG B 216 -3.82 -3.36 -8.27
N ILE B 217 -3.78 -3.41 -6.95
CA ILE B 217 -2.72 -4.04 -6.19
C ILE B 217 -2.59 -5.49 -6.61
N GLU B 219 -3.61 -6.84 -9.58
CA GLU B 219 -3.20 -7.05 -10.96
C GLU B 219 -1.73 -6.70 -11.14
N LEU B 220 -1.12 -6.01 -10.17
CA LEU B 220 0.33 -5.79 -10.15
C LEU B 220 1.11 -6.92 -9.46
N GLY B 221 0.40 -7.94 -8.96
CA GLY B 221 1.03 -9.10 -8.30
C GLY B 221 1.57 -8.79 -6.92
N LEU B 222 0.98 -7.80 -6.25
CA LEU B 222 1.52 -7.31 -4.98
C LEU B 222 0.85 -7.93 -3.74
N LYS B 223 0.46 -9.18 -3.82
CA LYS B 223 -0.10 -9.87 -2.66
C LYS B 223 0.82 -9.72 -1.45
N LYS B 224 2.13 -9.92 -1.63
CA LYS B 224 3.07 -9.91 -0.51
C LYS B 224 3.07 -8.55 0.19
N ASP B 225 3.09 -7.47 -0.58
CA ASP B 225 2.96 -6.11 -0.01
C ASP B 225 1.63 -5.95 0.72
N PHE B 226 0.54 -6.41 0.11
CA PHE B 226 -0.77 -6.27 0.71
C PHE B 226 -0.83 -6.94 2.09
N GLU B 227 -0.28 -8.14 2.21
CA GLU B 227 -0.35 -8.87 3.48
C GLU B 227 0.55 -8.25 4.52
N TYR B 228 1.67 -7.70 4.05
CA TYR B 228 2.57 -6.99 4.93
C TYR B 228 1.95 -5.70 5.49
N CYS B 229 1.42 -4.87 4.60
CA CYS B 229 0.81 -3.57 5.01
C CYS B 229 -0.41 -3.72 5.95
N CYS B 230 -0.98 -4.92 5.98
CA CYS B 230 -2.07 -5.23 6.91
C CYS B 230 -1.63 -5.69 8.30
N LYS B 231 -0.34 -5.90 8.53
CA LYS B 231 0.14 -6.27 9.86
C LYS B 231 0.09 -5.09 10.84
N LYS B 232 -0.56 -5.31 11.96
CA LYS B 232 -0.74 -4.28 12.96
C LYS B 232 0.50 -4.14 13.83
N ASP B 233 0.85 -2.91 14.19
CA ASP B 233 1.67 -2.66 15.36
C ASP B 233 3.02 -3.38 15.36
N ILE B 234 3.67 -3.39 14.20
CA ILE B 234 5.02 -3.94 14.13
C ILE B 234 6.09 -2.87 14.05
N VAL B 235 5.67 -1.61 13.91
CA VAL B 235 6.59 -0.49 13.97
C VAL B 235 6.15 0.44 15.08
N LYS B 236 7.10 0.81 15.94
CA LYS B 236 6.85 1.66 17.09
C LYS B 236 7.31 3.11 16.83
N LEU B 237 7.67 3.41 15.61
CA LEU B 237 8.17 4.71 15.21
C LEU B 237 7.07 5.52 14.54
N VAL B 238 7.02 6.82 14.81
CA VAL B 238 6.07 7.71 14.17
C VAL B 238 6.82 8.78 13.38
N PRO B 239 7.03 8.54 12.10
CA PRO B 239 7.69 9.56 11.30
C PRO B 239 6.93 10.89 11.29
N GLN B 240 7.68 11.99 11.15
CA GLN B 240 7.09 13.31 11.24
C GLN B 240 7.65 14.17 10.12
N TYR B 241 6.78 14.81 9.35
CA TYR B 241 7.17 15.68 8.24
C TYR B 241 7.36 17.11 8.77
N THR B 242 8.53 17.68 8.49
CA THR B 242 8.90 18.98 9.02
C THR B 242 9.86 19.64 8.05
N ASN B 243 9.50 20.83 7.56
CA ASN B 243 10.36 21.57 6.67
C ASN B 243 10.82 20.72 5.47
N GLY B 244 9.89 20.06 4.82
CA GLY B 244 10.19 19.28 3.59
C GLY B 244 10.82 17.90 3.74
N GLU B 245 11.01 17.46 4.98
CA GLU B 245 11.72 16.24 5.29
C GLU B 245 10.95 15.39 6.26
N ILE B 246 11.10 14.07 6.15
CA ILE B 246 10.52 13.15 7.11
C ILE B 246 11.62 12.44 7.84
N LEU B 247 11.59 12.55 9.16
CA LEU B 247 12.48 11.85 10.09
C LEU B 247 11.62 11.06 11.13
N HIS C 11 -20.91 -1.64 -20.42
CA HIS C 11 -20.44 -0.57 -19.51
C HIS C 11 -21.50 -0.35 -18.45
N HIS C 12 -21.22 -0.87 -17.27
CA HIS C 12 -22.16 -0.82 -16.18
C HIS C 12 -22.31 0.59 -15.63
N LYS C 14 -22.36 3.50 -13.23
CA LYS C 14 -21.47 3.87 -12.12
C LYS C 14 -22.25 4.67 -11.09
N ILE C 15 -21.96 4.42 -9.82
CA ILE C 15 -22.56 5.17 -8.72
C ILE C 15 -21.48 5.71 -7.78
N ASP C 16 -21.49 7.03 -7.63
CA ASP C 16 -20.52 7.75 -6.79
C ASP C 16 -21.29 8.49 -5.70
N LEU C 17 -20.57 9.04 -4.74
CA LEU C 17 -21.20 9.74 -3.63
C LEU C 17 -20.30 10.94 -3.29
N ILE C 18 -20.92 12.09 -3.05
CA ILE C 18 -20.23 13.31 -2.62
C ILE C 18 -20.71 13.61 -1.20
N ILE C 19 -19.78 13.92 -0.33
CA ILE C 19 -20.06 13.87 1.11
C ILE C 19 -20.70 15.14 1.70
N SER C 20 -20.67 16.25 0.96
CA SER C 20 -21.22 17.50 1.45
C SER C 20 -21.35 18.52 0.35
N ALA C 21 -22.22 19.50 0.61
CA ALA C 21 -22.38 20.66 -0.27
C ALA C 21 -21.07 21.39 -0.56
N ASP C 22 -20.18 21.42 0.42
CA ASP C 22 -18.85 22.06 0.26
C ASP C 22 -17.84 21.20 -0.50
N ASP C 23 -18.20 19.97 -0.84
CA ASP C 23 -17.25 19.07 -1.50
C ASP C 23 -17.70 18.69 -2.91
N ILE C 24 -18.69 19.39 -3.43
CA ILE C 24 -19.12 19.15 -4.79
C ILE C 24 -18.08 19.72 -5.76
N LYS C 25 -17.71 18.93 -6.76
CA LYS C 25 -16.87 19.38 -7.86
C LYS C 25 -17.62 19.09 -9.15
N GLU C 26 -17.79 20.10 -10.00
CA GLU C 26 -18.56 19.98 -11.24
C GLU C 26 -18.31 18.71 -12.05
N GLU C 27 -17.06 18.33 -12.18
CA GLU C 27 -16.73 17.17 -13.00
C GLU C 27 -17.28 15.85 -12.43
N LYS C 28 -17.60 15.83 -11.15
CA LYS C 28 -18.24 14.65 -10.58
C LYS C 28 -19.74 14.66 -10.78
N VAL C 29 -20.29 15.78 -11.21
CA VAL C 29 -21.73 15.93 -11.31
C VAL C 29 -22.19 16.06 -12.76
N LYS C 30 -21.46 16.80 -13.59
CA LYS C 30 -22.01 17.13 -14.91
C LYS C 30 -22.46 15.90 -15.70
N ASN C 31 -23.61 16.03 -16.34
CA ASN C 31 -24.21 15.02 -17.20
C ASN C 31 -24.62 13.72 -16.54
N LYS C 32 -24.56 13.67 -15.22
CA LYS C 32 -24.98 12.46 -14.51
C LYS C 32 -26.41 12.60 -13.99
N THR C 33 -26.92 11.51 -13.46
CA THR C 33 -28.09 11.54 -12.62
C THR C 33 -27.59 11.91 -11.22
N ALA C 34 -27.94 13.11 -10.76
CA ALA C 34 -27.58 13.57 -9.41
C ALA C 34 -28.74 13.35 -8.47
N VAL C 35 -28.48 12.79 -7.30
CA VAL C 35 -29.51 12.61 -6.28
C VAL C 35 -29.13 13.41 -5.03
N VAL C 36 -29.90 14.45 -4.72
CA VAL C 36 -29.58 15.28 -3.58
C VAL C 36 -30.26 14.77 -2.31
N ILE C 37 -29.50 14.63 -1.22
CA ILE C 37 -30.02 14.12 0.03
C ILE C 37 -29.70 15.03 1.20
N ASP C 38 -30.76 15.50 1.88
CA ASP C 38 -30.64 16.18 3.18
C ASP C 38 -31.83 15.72 3.99
N LEU C 40 -32.66 15.12 7.08
CA LEU C 40 -33.05 15.81 8.28
C LEU C 40 -32.70 17.27 8.06
N ARG C 41 -33.55 18.06 7.40
CA ARG C 41 -34.92 17.69 6.97
C ARG C 41 -35.33 18.17 5.58
N ALA C 42 -34.47 18.95 4.92
CA ALA C 42 -34.86 19.65 3.69
C ALA C 42 -35.47 18.75 2.61
N THR C 43 -34.82 17.64 2.25
CA THR C 43 -35.33 16.78 1.19
C THR C 43 -36.51 15.94 1.65
N SER C 44 -36.68 15.78 2.96
CA SER C 44 -37.86 15.11 3.49
C SER C 44 -39.05 16.07 3.43
N VAL C 45 -38.79 17.35 3.61
CA VAL C 45 -39.81 18.37 3.44
C VAL C 45 -40.25 18.51 1.98
N ILE C 46 -39.29 18.66 1.07
CA ILE C 46 -39.61 18.77 -0.35
C ILE C 46 -40.43 17.58 -0.84
N THR C 47 -39.97 16.38 -0.50
CA THR C 47 -40.65 15.15 -0.86
C THR C 47 -42.07 15.13 -0.36
N THR C 48 -42.24 15.47 0.92
CA THR C 48 -43.53 15.44 1.57
C THR C 48 -44.48 16.45 0.98
N ALA C 49 -44.01 17.67 0.81
CA ALA C 49 -44.85 18.77 0.31
C ALA C 49 -45.38 18.46 -1.09
N LEU C 50 -44.51 18.00 -1.99
CA LEU C 50 -44.95 17.71 -3.37
C LEU C 50 -45.88 16.52 -3.41
N ASN C 51 -45.64 15.52 -2.56
CA ASN C 51 -46.53 14.37 -2.42
C ASN C 51 -47.92 14.78 -1.90
N ASN C 52 -47.99 15.86 -1.13
CA ASN C 52 -49.26 16.41 -0.67
C ASN C 52 -49.87 17.47 -1.59
N GLY C 53 -49.41 17.54 -2.83
CA GLY C 53 -50.13 18.28 -3.88
C GLY C 53 -49.64 19.69 -4.10
N CYS C 54 -48.53 20.02 -3.45
CA CYS C 54 -47.86 21.27 -3.68
C CYS C 54 -47.47 21.40 -5.15
N LYS C 55 -47.63 22.60 -5.73
CA LYS C 55 -47.41 22.78 -7.18
C LYS C 55 -45.95 22.74 -7.55
N ARG C 56 -45.16 23.51 -6.82
CA ARG C 56 -43.71 23.53 -7.02
C ARG C 56 -42.97 23.95 -5.77
N VAL C 57 -41.71 23.56 -5.68
CA VAL C 57 -40.80 24.14 -4.69
C VAL C 57 -39.70 24.91 -5.38
N VAL C 58 -39.46 26.13 -4.90
CA VAL C 58 -38.39 26.99 -5.40
C VAL C 58 -37.33 27.18 -4.31
N PRO C 59 -36.21 26.45 -4.42
CA PRO C 59 -35.12 26.60 -3.44
C PRO C 59 -34.26 27.78 -3.76
N VAL C 60 -33.95 28.56 -2.74
CA VAL C 60 -33.09 29.73 -2.87
C VAL C 60 -32.03 29.74 -1.77
N LEU C 61 -30.99 30.57 -1.95
CA LEU C 61 -29.86 30.54 -1.03
C LEU C 61 -30.02 31.55 0.09
N THR C 62 -30.67 32.67 -0.16
CA THR C 62 -30.76 33.71 0.85
C THR C 62 -32.22 34.08 1.19
N VAL C 63 -32.41 34.61 2.38
CA VAL C 63 -33.72 35.15 2.79
C VAL C 63 -34.16 36.28 1.87
N GLU C 64 -33.21 37.13 1.48
CA GLU C 64 -33.56 38.27 0.63
C GLU C 64 -34.10 37.78 -0.72
N GLU C 65 -33.43 36.78 -1.28
CA GLU C 65 -33.82 36.19 -2.53
C GLU C 65 -35.24 35.61 -2.39
N ALA C 66 -35.49 34.96 -1.25
CA ALA C 66 -36.79 34.33 -0.95
C ALA C 66 -37.95 35.32 -0.92
N LEU C 67 -37.72 36.48 -0.31
CA LEU C 67 -38.75 37.50 -0.23
C LEU C 67 -39.04 38.15 -1.59
N LYS C 68 -38.02 38.23 -2.44
CA LYS C 68 -38.20 38.74 -3.79
C LYS C 68 -38.97 37.68 -4.63
N LYS C 69 -38.68 36.39 -4.43
CA LYS C 69 -39.39 35.32 -5.17
C LYS C 69 -40.89 35.24 -4.87
N VAL C 70 -41.29 35.55 -3.64
CA VAL C 70 -42.72 35.60 -3.28
C VAL C 70 -43.49 36.55 -4.18
N LYS C 71 -42.95 37.74 -4.40
CA LYS C 71 -43.62 38.75 -5.24
C LYS C 71 -43.80 38.24 -6.67
N GLU C 72 -42.87 37.40 -7.15
CA GLU C 72 -42.96 36.84 -8.50
C GLU C 72 -44.09 35.83 -8.66
N TYR C 73 -44.33 35.03 -7.63
CA TYR C 73 -45.35 33.97 -7.71
C TYR C 73 -46.69 34.38 -7.13
N GLY C 74 -46.83 35.59 -6.62
CA GLY C 74 -48.18 36.11 -6.24
C GLY C 74 -48.87 35.41 -5.08
N LYS C 75 -50.19 35.49 -5.05
CA LYS C 75 -51.03 34.99 -3.95
C LYS C 75 -50.75 33.57 -3.47
N ASP C 76 -50.29 32.71 -4.37
CA ASP C 76 -50.18 31.27 -4.07
C ASP C 76 -48.82 30.81 -3.55
N ALA C 77 -47.94 31.77 -3.29
CA ALA C 77 -46.59 31.50 -2.79
C ALA C 77 -46.62 31.37 -1.27
N ILE C 78 -45.81 30.46 -0.71
CA ILE C 78 -45.56 30.43 0.74
C ILE C 78 -44.07 30.34 1.05
N LEU C 79 -43.71 30.79 2.25
CA LEU C 79 -42.30 30.88 2.68
C LEU C 79 -41.98 29.84 3.74
N GLY C 80 -41.03 28.95 3.44
CA GLY C 80 -40.58 27.95 4.41
C GLY C 80 -39.07 27.74 4.46
N GLY C 81 -38.64 26.83 5.35
CA GLY C 81 -37.23 26.50 5.53
C GLY C 81 -36.74 26.85 6.93
N GLU C 82 -35.44 27.07 7.06
CA GLU C 82 -34.86 27.37 8.37
C GLU C 82 -33.48 28.00 8.35
N ARG C 83 -33.11 28.57 9.49
CA ARG C 83 -31.73 28.89 9.86
C ARG C 83 -31.44 28.28 11.23
N LYS C 84 -30.38 27.48 11.33
CA LYS C 84 -30.01 26.78 12.57
C LYS C 84 -31.12 25.81 13.05
N GLY C 85 -31.93 25.34 12.10
CA GLY C 85 -33.08 24.50 12.41
C GLY C 85 -34.35 25.24 12.79
N LEU C 86 -34.25 26.56 12.99
CA LEU C 86 -35.39 27.38 13.45
C LEU C 86 -36.17 28.02 12.33
N LYS C 87 -37.43 28.32 12.59
CA LYS C 87 -38.28 29.04 11.65
C LYS C 87 -37.69 30.43 11.45
N ILE C 88 -37.67 30.90 10.20
CA ILE C 88 -37.13 32.22 9.86
C ILE C 88 -38.20 33.29 10.13
N GLU C 89 -37.78 34.44 10.69
CA GLU C 89 -38.74 35.47 11.06
C GLU C 89 -39.48 35.97 9.81
N GLY C 90 -40.79 36.10 9.93
CA GLY C 90 -41.64 36.52 8.82
C GLY C 90 -42.01 35.44 7.83
N PHE C 91 -41.53 34.22 8.01
CA PHE C 91 -41.90 33.08 7.14
C PHE C 91 -43.22 32.47 7.59
N ASP C 92 -43.80 31.64 6.71
CA ASP C 92 -45.07 30.95 7.00
C ASP C 92 -44.82 29.65 7.74
N PHE C 93 -43.83 28.90 7.28
CA PHE C 93 -43.52 27.61 7.88
C PHE C 93 -42.05 27.44 8.16
N SER C 94 -41.77 26.41 8.94
CA SER C 94 -40.41 26.09 9.31
C SER C 94 -39.93 24.94 8.39
N ASN C 95 -39.10 24.06 8.90
CA ASN C 95 -38.57 22.98 8.06
C ASN C 95 -39.01 21.59 8.56
N SER C 96 -40.15 21.55 9.25
CA SER C 96 -40.74 20.31 9.73
C SER C 96 -41.67 19.79 8.65
N PRO C 97 -41.44 18.56 8.15
CA PRO C 97 -42.35 17.98 7.16
C PRO C 97 -43.84 17.92 7.54
N GLU C 99 -45.78 20.07 8.97
CA GLU C 99 -46.57 21.26 8.79
C GLU C 99 -46.94 21.48 7.31
N TYR C 100 -46.37 20.67 6.41
CA TYR C 100 -46.68 20.75 4.99
C TYR C 100 -47.77 19.75 4.59
N THR C 101 -48.90 19.86 5.27
CA THR C 101 -50.07 19.01 5.00
C THR C 101 -50.80 19.49 3.73
N GLU C 102 -51.55 18.59 3.11
CA GLU C 102 -52.25 18.88 1.85
C GLU C 102 -53.16 20.11 1.92
N ASP C 103 -53.81 20.34 3.06
CA ASP C 103 -54.69 21.52 3.17
C ASP C 103 -53.92 22.84 3.18
N VAL C 104 -52.66 22.78 3.61
CA VAL C 104 -51.80 23.94 3.68
C VAL C 104 -51.03 24.17 2.35
N VAL C 105 -50.60 23.10 1.68
CA VAL C 105 -49.73 23.22 0.50
C VAL C 105 -50.38 23.01 -0.85
N LYS C 106 -51.60 22.48 -0.90
CA LYS C 106 -52.14 22.04 -2.19
C LYS C 106 -52.18 23.20 -3.18
N GLY C 107 -51.50 23.05 -4.31
CA GLY C 107 -51.54 24.04 -5.38
C GLY C 107 -50.65 25.25 -5.16
N LYS C 108 -50.00 25.32 -4.00
CA LYS C 108 -49.22 26.49 -3.64
C LYS C 108 -47.78 26.35 -4.10
N THR C 109 -47.07 27.46 -4.10
CA THR C 109 -45.66 27.48 -4.49
C THR C 109 -44.81 27.73 -3.26
N LEU C 110 -43.97 26.74 -2.93
CA LEU C 110 -43.14 26.80 -1.73
C LEU C 110 -41.77 27.41 -2.02
N ILE C 111 -41.57 28.64 -1.57
CA ILE C 111 -40.27 29.30 -1.62
C ILE C 111 -39.51 28.85 -0.39
N THR C 113 -35.50 28.26 1.69
CA THR C 113 -34.09 28.44 1.85
C THR C 113 -33.73 27.68 3.13
N THR C 114 -32.71 26.83 3.05
CA THR C 114 -32.28 26.05 4.20
C THR C 114 -30.78 26.12 4.40
N THR C 115 -30.32 25.61 5.55
CA THR C 115 -28.90 25.63 5.88
C THR C 115 -28.08 24.75 4.90
N ASN C 116 -28.53 23.51 4.63
CA ASN C 116 -27.72 22.53 3.85
C ASN C 116 -28.35 22.15 2.50
N GLY C 117 -29.56 21.56 2.56
CA GLY C 117 -30.25 21.00 1.40
C GLY C 117 -30.33 21.89 0.16
N THR C 118 -30.73 23.16 0.33
CA THR C 118 -30.87 24.10 -0.81
C THR C 118 -29.51 24.51 -1.47
N ARG C 119 -28.41 24.54 -0.71
CA ARG C 119 -27.08 24.75 -1.32
C ARG C 119 -26.62 23.53 -2.16
N ALA C 120 -26.92 22.32 -1.70
CA ALA C 120 -26.59 21.10 -2.45
C ALA C 120 -27.33 21.01 -3.78
N ILE C 121 -28.58 21.48 -3.79
CA ILE C 121 -29.40 21.43 -5.00
C ILE C 121 -28.81 22.36 -6.04
N LYS C 122 -28.63 23.62 -5.66
CA LYS C 122 -27.97 24.60 -6.50
C LYS C 122 -26.61 24.11 -7.00
N GLY C 123 -25.84 23.47 -6.14
CA GLY C 123 -24.49 23.04 -6.54
C GLY C 123 -24.48 21.91 -7.58
N SER C 124 -25.61 21.23 -7.76
CA SER C 124 -25.72 20.13 -8.74
C SER C 124 -26.23 20.55 -10.13
N GLU C 125 -26.38 21.86 -10.36
CA GLU C 125 -26.90 22.46 -11.62
C GLU C 125 -26.50 21.73 -12.90
N THR C 126 -25.25 21.32 -12.98
CA THR C 126 -24.69 20.80 -14.22
C THR C 126 -25.07 19.35 -14.54
N ALA C 127 -25.78 18.67 -13.64
CA ALA C 127 -26.17 17.29 -13.88
C ALA C 127 -27.25 17.21 -14.97
N ARG C 128 -27.36 16.06 -15.62
CA ARG C 128 -28.43 15.87 -16.61
C ARG C 128 -29.80 15.89 -15.94
N ASP C 129 -29.90 15.21 -14.80
CA ASP C 129 -31.15 15.16 -14.06
C ASP C 129 -30.83 15.31 -12.59
N ILE C 130 -31.50 16.24 -11.91
CA ILE C 130 -31.34 16.41 -10.46
C ILE C 130 -32.57 15.85 -9.77
N LEU C 131 -32.41 14.74 -9.05
CA LEU C 131 -33.49 14.11 -8.31
C LEU C 131 -33.41 14.45 -6.84
N ILE C 132 -34.56 14.48 -6.16
CA ILE C 132 -34.59 14.76 -4.73
C ILE C 132 -34.89 13.48 -3.98
N GLY C 133 -34.01 13.11 -3.07
CA GLY C 133 -34.10 11.85 -2.38
C GLY C 133 -34.15 11.99 -0.87
N SER C 134 -34.77 10.99 -0.25
CA SER C 134 -34.89 10.91 1.18
C SER C 134 -35.20 9.46 1.48
N VAL C 135 -35.28 9.13 2.75
CA VAL C 135 -35.72 7.80 3.12
C VAL C 135 -37.17 7.57 2.67
N LEU C 136 -37.98 8.61 2.73
CA LEU C 136 -39.40 8.50 2.42
C LEU C 136 -39.66 8.03 1.00
N ASN C 137 -38.82 8.44 0.06
CA ASN C 137 -39.00 8.07 -1.35
C ASN C 137 -37.81 7.30 -1.93
N GLY C 138 -37.04 6.65 -1.06
CA GLY C 138 -35.84 5.93 -1.49
C GLY C 138 -36.10 4.89 -2.57
N GLU C 139 -37.07 4.00 -2.37
CA GLU C 139 -37.37 2.97 -3.38
C GLU C 139 -37.75 3.62 -4.72
N ALA C 140 -38.58 4.66 -4.67
CA ALA C 140 -39.03 5.32 -5.88
C ALA C 140 -37.86 6.00 -6.60
N VAL C 141 -36.93 6.56 -5.84
CA VAL C 141 -35.72 7.16 -6.40
C VAL C 141 -34.89 6.11 -7.12
N ALA C 142 -34.77 4.94 -6.52
CA ALA C 142 -34.04 3.86 -7.11
C ALA C 142 -34.66 3.46 -8.44
N GLU C 143 -35.98 3.45 -8.47
CA GLU C 143 -36.66 3.13 -9.70
C GLU C 143 -36.35 4.15 -10.77
N LYS C 144 -36.39 5.43 -10.42
CA LYS C 144 -36.15 6.50 -11.38
C LYS C 144 -34.70 6.46 -11.90
N ILE C 145 -33.77 6.18 -11.02
CA ILE C 145 -32.36 6.02 -11.42
C ILE C 145 -32.18 4.95 -12.50
N VAL C 146 -32.81 3.81 -12.29
CA VAL C 146 -32.73 2.71 -13.25
C VAL C 146 -33.35 3.12 -14.58
N GLU C 147 -34.51 3.75 -14.53
CA GLU C 147 -35.18 4.24 -15.72
C GLU C 147 -34.30 5.23 -16.50
N LEU C 148 -33.67 6.18 -15.79
CA LEU C 148 -32.84 7.21 -16.43
C LEU C 148 -31.60 6.63 -17.10
N ASN C 149 -31.17 5.48 -16.61
CA ASN C 149 -30.12 4.67 -17.23
C ASN C 149 -28.84 5.43 -17.52
N ASN C 150 -28.44 6.26 -16.56
CA ASN C 150 -27.28 7.12 -16.65
C ASN C 150 -26.41 6.83 -15.44
N ASP C 151 -25.15 7.23 -15.48
CA ASP C 151 -24.29 7.14 -14.29
C ASP C 151 -24.84 8.05 -13.21
N VAL C 152 -24.58 7.72 -11.97
CA VAL C 152 -25.22 8.35 -10.83
C VAL C 152 -24.19 8.95 -9.86
N VAL C 153 -24.53 10.10 -9.28
CA VAL C 153 -23.78 10.64 -8.15
C VAL C 153 -24.78 11.04 -7.07
N ILE C 154 -24.57 10.52 -5.87
CA ILE C 154 -25.42 10.83 -4.74
C ILE C 154 -24.77 11.96 -3.95
N VAL C 155 -25.44 13.10 -3.96
CA VAL C 155 -24.92 14.32 -3.41
C VAL C 155 -25.48 14.51 -1.99
N ASN C 156 -24.71 14.15 -0.97
CA ASN C 156 -25.07 14.42 0.40
C ASN C 156 -24.97 15.91 0.61
N ALA C 157 -25.98 16.52 1.21
CA ALA C 157 -25.85 17.91 1.61
C ALA C 157 -24.85 18.03 2.76
N GLY C 158 -24.84 17.03 3.64
CA GLY C 158 -24.08 17.11 4.87
C GLY C 158 -24.71 18.07 5.83
N THR C 159 -23.97 18.47 6.85
CA THR C 159 -24.39 19.61 7.66
C THR C 159 -23.20 20.56 7.80
N TYR C 160 -23.46 21.83 7.56
CA TYR C 160 -22.44 22.88 7.67
C TYR C 160 -21.19 22.42 6.95
N GLY C 161 -21.36 21.90 5.73
CA GLY C 161 -20.25 21.48 4.86
C GLY C 161 -19.43 20.29 5.29
N GLU C 162 -20.03 19.38 6.06
CA GLU C 162 -19.33 18.23 6.58
C GLU C 162 -20.09 16.96 6.32
N PHE C 163 -19.34 15.89 6.11
CA PHE C 163 -19.88 14.55 6.10
C PHE C 163 -20.87 14.39 7.25
N SER C 164 -22.06 13.89 6.96
CA SER C 164 -23.09 13.65 7.97
C SER C 164 -23.63 12.23 7.85
N ILE C 165 -23.64 11.51 8.97
CA ILE C 165 -24.10 10.12 9.00
C ILE C 165 -25.54 9.96 8.48
N ASP C 166 -26.43 10.90 8.81
CA ASP C 166 -27.80 10.84 8.32
C ASP C 166 -27.83 10.75 6.80
N ASP C 167 -27.24 11.72 6.12
CA ASP C 167 -27.29 11.77 4.66
C ASP C 167 -26.56 10.55 4.06
N PHE C 168 -25.46 10.13 4.70
CA PHE C 168 -24.66 9.00 4.23
C PHE C 168 -25.41 7.67 4.28
N ILE C 169 -26.06 7.37 5.40
CA ILE C 169 -26.80 6.10 5.52
C ILE C 169 -27.99 6.06 4.58
N CYS C 170 -28.64 7.22 4.42
CA CYS C 170 -29.72 7.37 3.47
C CYS C 170 -29.20 7.06 2.07
N SER C 171 -28.04 7.60 1.72
CA SER C 171 -27.40 7.31 0.43
C SER C 171 -27.26 5.81 0.27
N GLY C 172 -26.79 5.15 1.32
CA GLY C 172 -26.66 3.68 1.32
C GLY C 172 -27.96 2.91 1.08
N TYR C 173 -29.05 3.39 1.71
CA TYR C 173 -30.37 2.78 1.55
C TYR C 173 -30.76 2.83 0.09
N ILE C 174 -30.50 3.97 -0.55
CA ILE C 174 -30.94 4.18 -1.91
C ILE C 174 -30.10 3.35 -2.84
N ILE C 175 -28.80 3.29 -2.57
CA ILE C 175 -27.90 2.47 -3.36
C ILE C 175 -28.38 1.05 -3.26
N ASN C 176 -28.67 0.61 -2.05
CA ASN C 176 -29.13 -0.74 -1.85
C ASN C 176 -30.37 -1.07 -2.66
N CYS C 177 -31.28 -0.10 -2.74
CA CYS C 177 -32.51 -0.24 -3.51
C CYS C 177 -32.25 -0.34 -5.00
N VAL C 178 -31.23 0.37 -5.47
CA VAL C 178 -30.82 0.26 -6.87
C VAL C 178 -30.26 -1.13 -7.13
N ASP C 180 -31.04 -3.84 -5.51
CA ASP C 180 -32.19 -4.74 -5.53
C ASP C 180 -32.80 -4.80 -6.92
N ARG C 181 -32.72 -3.71 -7.65
CA ARG C 181 -33.22 -3.65 -9.01
C ARG C 181 -32.21 -4.01 -10.09
N LYS C 183 -27.98 -5.79 -11.14
CA LYS C 183 -26.64 -6.31 -10.93
C LYS C 183 -25.56 -5.57 -11.75
N LYS C 184 -25.92 -4.95 -12.88
CA LYS C 184 -24.95 -4.23 -13.72
C LYS C 184 -24.49 -2.86 -13.16
N LEU C 185 -23.82 -2.93 -12.01
CA LEU C 185 -23.42 -1.76 -11.24
C LEU C 185 -21.93 -1.74 -10.95
N GLU C 186 -21.39 -0.51 -10.85
CA GLU C 186 -20.04 -0.28 -10.35
C GLU C 186 -20.06 0.88 -9.34
N LEU C 187 -19.87 0.57 -8.06
CA LEU C 187 -19.84 1.57 -7.00
C LEU C 187 -18.44 2.08 -6.79
N THR C 188 -18.30 3.39 -6.56
CA THR C 188 -17.05 3.90 -6.01
C THR C 188 -16.93 3.42 -4.57
N ASP C 189 -15.74 3.56 -3.97
CA ASP C 189 -15.53 3.11 -2.59
C ASP C 189 -16.41 3.87 -1.62
N ALA C 190 -16.65 5.14 -1.90
CA ALA C 190 -17.52 5.95 -1.07
C ALA C 190 -18.93 5.37 -1.05
N ALA C 191 -19.42 4.96 -2.22
CA ALA C 191 -20.77 4.38 -2.35
C ALA C 191 -20.84 3.05 -1.67
N THR C 192 -19.87 2.20 -1.97
CA THR C 192 -19.75 0.90 -1.34
C THR C 192 -19.81 1.03 0.17
N THR C 193 -19.10 2.00 0.72
CA THR C 193 -19.08 2.19 2.16
C THR C 193 -20.42 2.65 2.71
N ALA C 194 -21.07 3.57 2.03
CA ALA C 194 -22.42 3.99 2.45
C ALA C 194 -23.38 2.82 2.46
N GLN C 195 -23.34 2.01 1.39
CA GLN C 195 -24.22 0.86 1.30
C GLN C 195 -23.92 -0.15 2.40
N TYR C 196 -22.65 -0.30 2.76
CA TYR C 196 -22.28 -1.21 3.85
C TYR C 196 -22.84 -0.75 5.19
N VAL C 197 -22.76 0.55 5.43
CA VAL C 197 -23.27 1.12 6.67
C VAL C 197 -24.78 0.89 6.75
N TYR C 198 -25.47 1.11 5.62
CA TYR C 198 -26.91 0.84 5.56
C TYR C 198 -27.20 -0.67 5.75
N LYS C 199 -26.54 -1.50 4.96
CA LYS C 199 -26.76 -2.94 4.93
C LYS C 199 -26.67 -3.53 6.35
N THR C 200 -25.76 -2.99 7.17
CA THR C 200 -25.55 -3.44 8.57
C THR C 200 -26.39 -2.67 9.63
N ASN C 201 -27.30 -1.81 9.17
CA ASN C 201 -28.14 -1.00 10.03
C ASN C 201 -29.42 -0.66 9.25
N GLU C 202 -30.11 -1.69 8.76
CA GLU C 202 -31.23 -1.51 7.81
C GLU C 202 -32.38 -0.68 8.37
N ASP C 203 -32.50 -0.66 9.69
CA ASP C 203 -33.56 0.11 10.33
C ASP C 203 -33.27 1.60 10.31
N ILE C 204 -32.00 1.98 10.07
CA ILE C 204 -31.60 3.40 9.88
C ILE C 204 -31.64 4.28 11.14
N LYS C 205 -32.80 4.34 11.79
CA LYS C 205 -32.99 4.99 13.10
C LYS C 205 -31.76 4.88 13.99
N GLY C 206 -31.36 3.63 14.26
CA GLY C 206 -30.39 3.33 15.30
C GLY C 206 -29.04 3.95 15.06
N PHE C 207 -28.62 3.94 13.81
CA PHE C 207 -27.30 4.39 13.46
C PHE C 207 -27.19 5.91 13.31
N VAL C 208 -28.29 6.55 12.94
CA VAL C 208 -28.33 8.00 12.80
C VAL C 208 -28.12 8.66 14.16
N LYS C 209 -28.47 7.97 15.24
CA LYS C 209 -28.27 8.49 16.58
C LYS C 209 -26.80 8.82 16.88
N TYR C 210 -25.86 8.32 16.08
CA TYR C 210 -24.44 8.68 16.22
C TYR C 210 -24.04 9.95 15.45
N ALA C 211 -24.92 10.45 14.59
CA ALA C 211 -24.63 11.70 13.85
C ALA C 211 -24.54 12.88 14.79
N LYS C 212 -23.59 13.79 14.56
CA LYS C 212 -23.47 15.02 15.35
C LYS C 212 -24.77 15.82 15.25
N HIS C 213 -25.33 15.83 14.05
CA HIS C 213 -26.56 16.53 13.73
C HIS C 213 -27.75 16.05 14.53
N TYR C 214 -27.79 14.76 14.81
CA TYR C 214 -28.86 14.20 15.64
C TYR C 214 -28.96 14.91 16.99
N LYS C 215 -27.83 15.29 17.59
CA LYS C 215 -27.84 16.01 18.87
C LYS C 215 -28.51 17.38 18.71
N ARG C 216 -28.33 18.01 17.55
CA ARG C 216 -28.97 19.28 17.25
C ARG C 216 -30.48 19.12 17.09
N ILE C 217 -30.88 18.11 16.32
CA ILE C 217 -32.29 17.76 16.14
C ILE C 217 -32.97 17.56 17.49
N GLU C 219 -31.98 18.69 20.56
CA GLU C 219 -32.07 19.86 21.41
C GLU C 219 -33.05 20.89 20.85
N LEU C 220 -33.48 20.72 19.60
CA LEU C 220 -34.61 21.51 19.07
C LEU C 220 -35.99 20.88 19.35
N GLY C 221 -36.03 19.71 19.99
CA GLY C 221 -37.26 19.01 20.34
C GLY C 221 -37.93 18.29 19.17
N LEU C 222 -37.15 17.91 18.16
CA LEU C 222 -37.71 17.45 16.90
C LEU C 222 -37.76 15.94 16.76
N LYS C 223 -37.98 15.26 17.88
CA LYS C 223 -38.15 13.82 17.90
C LYS C 223 -39.19 13.35 16.87
N LYS C 224 -40.33 14.02 16.80
CA LYS C 224 -41.38 13.68 15.85
C LYS C 224 -40.86 13.70 14.42
N ASP C 225 -40.20 14.79 14.04
CA ASP C 225 -39.62 14.91 12.70
C ASP C 225 -38.62 13.79 12.41
N PHE C 226 -37.78 13.51 13.39
CA PHE C 226 -36.78 12.44 13.25
C PHE C 226 -37.40 11.09 12.95
N GLU C 227 -38.42 10.70 13.71
CA GLU C 227 -39.04 9.39 13.53
C GLU C 227 -39.75 9.32 12.19
N TYR C 228 -40.33 10.45 11.76
CA TYR C 228 -41.03 10.53 10.50
C TYR C 228 -40.07 10.39 9.31
N CYS C 229 -38.97 11.12 9.36
CA CYS C 229 -37.96 11.08 8.29
C CYS C 229 -37.27 9.75 8.13
N CYS C 230 -37.37 8.90 9.14
CA CYS C 230 -36.80 7.55 9.07
C CYS C 230 -37.79 6.53 8.48
N LYS C 231 -39.02 6.92 8.19
CA LYS C 231 -39.98 5.99 7.61
C LYS C 231 -39.66 5.73 6.14
N LYS C 232 -39.52 4.45 5.79
CA LYS C 232 -39.15 4.02 4.44
C LYS C 232 -40.33 4.03 3.49
N ASP C 233 -40.10 4.44 2.24
CA ASP C 233 -40.98 4.07 1.14
C ASP C 233 -42.45 4.40 1.38
N ILE C 234 -42.71 5.58 1.95
CA ILE C 234 -44.07 6.05 2.11
C ILE C 234 -44.45 7.09 1.05
N VAL C 235 -43.48 7.56 0.27
CA VAL C 235 -43.74 8.46 -0.85
C VAL C 235 -43.27 7.81 -2.15
N LYS C 236 -44.15 7.76 -3.15
CA LYS C 236 -43.84 7.13 -4.44
C LYS C 236 -43.39 8.17 -5.48
N LEU C 237 -43.24 9.40 -5.05
CA LEU C 237 -42.92 10.50 -5.95
C LEU C 237 -41.43 10.79 -5.94
N VAL C 238 -40.89 11.17 -7.09
CA VAL C 238 -39.49 11.56 -7.18
C VAL C 238 -39.38 12.98 -7.71
N PRO C 239 -39.34 13.98 -6.81
CA PRO C 239 -39.21 15.35 -7.25
C PRO C 239 -37.94 15.57 -8.04
N GLN C 240 -38.00 16.54 -8.94
CA GLN C 240 -36.92 16.78 -9.86
C GLN C 240 -36.72 18.29 -10.03
N TYR C 241 -35.47 18.72 -9.87
CA TYR C 241 -35.10 20.13 -10.00
C TYR C 241 -34.70 20.41 -11.45
N THR C 242 -35.35 21.41 -12.01
CA THR C 242 -35.22 21.73 -13.43
C THR C 242 -35.54 23.21 -13.61
N ASN C 243 -34.60 23.96 -14.19
CA ASN C 243 -34.76 25.42 -14.39
C ASN C 243 -35.13 26.15 -13.10
N GLY C 244 -34.43 25.92 -11.99
CA GLY C 244 -34.71 26.65 -10.74
C GLY C 244 -35.97 26.25 -9.97
N GLU C 245 -36.64 25.17 -10.39
CA GLU C 245 -37.89 24.75 -9.77
C GLU C 245 -37.86 23.28 -9.51
N ILE C 246 -38.57 22.86 -8.48
CA ILE C 246 -38.80 21.44 -8.23
C ILE C 246 -40.27 21.11 -8.43
N LEU C 247 -40.53 20.13 -9.29
CA LEU C 247 -41.87 19.56 -9.51
C LEU C 247 -41.81 18.02 -9.28
#